data_2Z7X
#
_entry.id   2Z7X
#
_cell.length_a   200.303
_cell.length_b   120.140
_cell.length_c   74.120
_cell.angle_alpha   90.00
_cell.angle_beta   90.00
_cell.angle_gamma   90.00
#
_symmetry.space_group_name_H-M   'P 21 21 2'
#
loop_
_entity.id
_entity.type
_entity.pdbx_description
1 polymer 'Toll-like receptor 2,Variable lymphocyte receptor B'
2 polymer 'Toll-like receptor 1,Variable lymphocyte receptor B'
3 polymer Pam3CSK4
4 branched alpha-D-mannopyranose-(1-4)-2-acetamido-2-deoxy-alpha-D-glucopyranose-(1-4)-2-acetamido-2-deoxy-beta-D-glucopyranose
5 branched alpha-D-mannopyranose-(1-4)-2-acetamido-2-deoxy-beta-D-glucopyranose-(1-4)-2-acetamido-2-deoxy-beta-D-glucopyranose
6 branched beta-D-mannopyranose-(1-4)-2-acetamido-2-deoxy-beta-D-glucopyranose-(1-4)-2-acetamido-2-deoxy-beta-D-glucopyranose
7 branched beta-D-mannopyranose-(1-4)-2-acetamido-2-deoxy-beta-D-glucopyranose
8 non-polymer 2-acetamido-2-deoxy-beta-D-glucopyranose
9 non-polymer 'PALMITIC ACID'
10 non-polymer '(2S)-3-hydroxypropane-1,2-diyl dihexadecanoate'
11 water water
#
loop_
_entity_poly.entity_id
_entity_poly.type
_entity_poly.pdbx_seq_one_letter_code
_entity_poly.pdbx_strand_id
1 'polypeptide(L)'
;SLSCDRNGICKGSSGSLNSIPSGLTEAVKSLDLSNNRITYISNSDLQRCVNLQALVLTSNGINTIEEDSFSSLGSLEHLD
LSYNYLSNLSSSWFKPLSSLTFLNLLGNPYKTLGETSLFSHLTKLQILRVGNMDTFTKIQRKDFAGLTFLEELEIDASDL
QSYEPKSLKSIQNVSHLILHMKQHILLLEIFVDVTSSVECLELRDTDLDTFHFSELSTGETNSLIKKFTFRNVKITDESL
FQVMKLLNQISGLLELEFDDCTLNGVGNFRASDNDRVIDPGKVETLTIRRLHIPRFYLFYDLSTLYSLTERVKRITVENS
KVFLVPCLLSQHLKSLEYLDLSENLMVEEYLKNSACEDAWPSLQTLILRQNHLASLEKTGETLLTLKNLTNIDISKNSFH
SMPETCQWPEKMKYLNLSSTRIHSVTGCIPKTLEILDVSNNNLNLFSLNLPQLKELYISRNKLMTLPDASLLPMLLVLKI
SRNQLKSVPDGIFDRLTSLQKIWLHTNPWDCSCPRIDYLSRWLNKNSQKEQGSAKCSGSGKPVRSIICP
;
A
2 'polypeptide(L)'
;SEFLVDRSKNGLIHVPKDLSQKTTILNISQNYISELWTSDILSLSKLRILIISHNRIQYLDISVFKFNQELEYLDLSHNK
LVKISCHPTVNLKHLDLSFNAFDALPICKEFGNMSQLKFLGLSTTHLEKSSVLPIAHLNISKVLLVLGETYGEKEDPEGL
QDFNTESLHIVFPTNKEFHFILDVSVKTVANLELSNIKCVLEDNKCSYFLSILAKLQTNPKLSNLTLNNIETTWNSFIRI
LQLVWHTTVWYFSISNVKLQGQLDFRDFDYSGTSLKALSIHQVVSDVFGFPQSYIYEIFSNMNIKNFTVSGTRMVHMLCP
SKISPFLHLDFSNNLLTDTVFENCGHLTELETLILQMNQLKELSKIAEMTTQMKSLQQLDISQNSVSYDEKKGDCSWTKS
LLSLNMSSNILTDTIFRCLPPRIKVLDLHSNKIKSIPKQVVKLEALQELNVASNQLKSVPDGIFDRLTSLQKIWLHTNPW
DCSCPRIDYLSRWLNKNSQKEQGSAKCSGSGKPVRSIICP
;
B
3 'polypeptide(L)' (DCY)SKKKK C
#
loop_
_chem_comp.id
_chem_comp.type
_chem_comp.name
_chem_comp.formula
BMA D-saccharide, beta linking beta-D-mannopyranose 'C6 H12 O6'
MAN D-saccharide, alpha linking alpha-D-mannopyranose 'C6 H12 O6'
NAG D-saccharide, beta linking 2-acetamido-2-deoxy-beta-D-glucopyranose 'C8 H15 N O6'
NDG D-saccharide, alpha linking 2-acetamido-2-deoxy-alpha-D-glucopyranose 'C8 H15 N O6'
PLM non-polymer 'PALMITIC ACID' 'C16 H32 O2'
Z41 non-polymer '(2S)-3-hydroxypropane-1,2-diyl dihexadecanoate' 'C35 H68 O5'
#
# COMPACT_ATOMS: atom_id res chain seq x y z
N SER A 1 13.46 2.18 -48.85
CA SER A 1 13.49 2.54 -47.40
C SER A 1 12.22 2.08 -46.69
N LEU A 2 11.29 1.52 -47.46
CA LEU A 2 10.02 1.07 -46.91
C LEU A 2 9.87 -0.44 -46.90
N SER A 3 8.88 -0.92 -46.13
CA SER A 3 8.57 -2.33 -46.02
C SER A 3 7.05 -2.47 -46.04
N CYS A 4 6.45 -1.99 -47.13
CA CYS A 4 5.00 -2.01 -47.32
C CYS A 4 4.41 -3.39 -47.06
N ASP A 5 3.15 -3.42 -46.63
CA ASP A 5 2.46 -4.67 -46.37
C ASP A 5 1.72 -5.08 -47.65
N ARG A 6 1.19 -6.30 -47.67
CA ARG A 6 0.48 -6.82 -48.83
C ARG A 6 -0.83 -6.13 -49.18
N ASN A 7 -1.09 -4.97 -48.60
CA ASN A 7 -2.34 -4.25 -48.89
C ASN A 7 -2.08 -2.82 -49.32
N GLY A 8 -0.80 -2.46 -49.42
CA GLY A 8 -0.44 -1.12 -49.83
C GLY A 8 -0.15 -0.24 -48.63
N ILE A 9 0.01 -0.89 -47.47
CA ILE A 9 0.28 -0.19 -46.22
C ILE A 9 1.80 -0.13 -46.03
N CYS A 10 2.41 0.95 -46.50
CA CYS A 10 3.86 1.11 -46.38
C CYS A 10 4.36 1.60 -45.03
N LYS A 11 5.37 0.90 -44.51
CA LYS A 11 5.97 1.24 -43.22
C LYS A 11 7.32 1.91 -43.45
N GLY A 12 7.54 3.04 -42.75
CA GLY A 12 8.80 3.73 -42.88
C GLY A 12 9.80 3.08 -41.94
N SER A 13 10.37 1.96 -42.38
CA SER A 13 11.33 1.21 -41.57
C SER A 13 12.54 2.02 -41.11
N SER A 14 13.67 1.82 -41.78
CA SER A 14 14.91 2.51 -41.43
C SER A 14 14.68 4.03 -41.35
N GLY A 15 14.54 4.54 -40.14
CA GLY A 15 14.31 5.96 -39.95
C GLY A 15 15.49 6.85 -40.30
N SER A 16 15.60 7.19 -41.59
CA SER A 16 16.67 8.05 -42.07
C SER A 16 16.30 8.66 -43.41
N LEU A 17 15.03 8.56 -43.77
CA LEU A 17 14.54 9.11 -45.03
C LEU A 17 14.74 10.61 -45.11
N ASN A 18 15.69 11.02 -45.95
CA ASN A 18 16.02 12.42 -46.15
C ASN A 18 14.81 13.22 -46.64
N SER A 19 13.91 12.53 -47.33
CA SER A 19 12.70 13.14 -47.87
C SER A 19 11.74 12.07 -48.34
N ILE A 20 10.67 12.49 -49.02
CA ILE A 20 9.67 11.56 -49.54
C ILE A 20 10.19 10.93 -50.83
N PRO A 21 10.15 9.59 -50.93
CA PRO A 21 10.62 8.86 -52.11
C PRO A 21 10.12 9.42 -53.45
N SER A 22 10.87 9.15 -54.52
CA SER A 22 10.52 9.62 -55.85
C SER A 22 9.35 8.88 -56.45
N GLY A 23 8.22 9.57 -56.59
CA GLY A 23 7.02 8.95 -57.17
C GLY A 23 6.70 7.58 -56.61
N LEU A 24 6.10 7.54 -55.42
CA LEU A 24 5.74 6.29 -54.78
C LEU A 24 4.69 5.54 -55.60
N THR A 25 4.52 4.26 -55.28
CA THR A 25 3.53 3.43 -55.97
C THR A 25 2.15 3.98 -55.59
N GLU A 26 1.34 4.29 -56.59
CA GLU A 26 0.02 4.86 -56.33
C GLU A 26 -0.96 3.93 -55.63
N ALA A 27 -0.68 2.62 -55.67
CA ALA A 27 -1.54 1.63 -55.03
C ALA A 27 -1.37 1.68 -53.51
N VAL A 28 -0.82 2.78 -53.02
CA VAL A 28 -0.60 2.95 -51.59
C VAL A 28 -1.81 3.63 -50.94
N LYS A 29 -2.16 3.18 -49.75
CA LYS A 29 -3.29 3.75 -49.02
C LYS A 29 -2.82 4.34 -47.68
N SER A 30 -1.77 3.74 -47.12
CA SER A 30 -1.21 4.20 -45.86
C SER A 30 0.32 4.29 -45.92
N LEU A 31 0.89 5.10 -45.03
CA LEU A 31 2.34 5.29 -44.98
C LEU A 31 2.81 5.38 -43.54
N ASP A 32 4.09 5.68 -43.36
CA ASP A 32 4.66 5.81 -42.03
C ASP A 32 5.94 6.63 -42.01
N LEU A 33 5.79 7.94 -41.87
CA LEU A 33 6.94 8.84 -41.81
C LEU A 33 7.02 9.43 -40.41
N SER A 34 7.00 8.54 -39.42
CA SER A 34 7.07 8.93 -38.02
C SER A 34 8.53 8.93 -37.58
N ASN A 35 9.01 10.09 -37.11
CA ASN A 35 10.38 10.24 -36.65
C ASN A 35 11.39 9.94 -37.75
N ASN A 36 11.45 10.83 -38.74
CA ASN A 36 12.38 10.69 -39.86
C ASN A 36 12.93 12.05 -40.27
N ARG A 37 14.20 12.08 -40.67
CA ARG A 37 14.86 13.32 -41.06
C ARG A 37 14.27 13.94 -42.33
N ILE A 38 13.26 14.79 -42.16
CA ILE A 38 12.62 15.45 -43.30
C ILE A 38 12.63 16.96 -43.09
N THR A 39 12.62 17.71 -44.19
CA THR A 39 12.64 19.17 -44.11
C THR A 39 11.90 19.81 -45.28
N TYR A 40 11.75 19.06 -46.36
CA TYR A 40 11.07 19.56 -47.54
C TYR A 40 9.98 18.61 -48.02
N ILE A 41 8.84 19.18 -48.42
CA ILE A 41 7.71 18.40 -48.91
C ILE A 41 7.03 19.14 -50.07
N SER A 42 7.26 18.68 -51.29
CA SER A 42 6.67 19.29 -52.47
C SER A 42 5.63 18.35 -53.09
N ASN A 43 5.09 18.75 -54.24
CA ASN A 43 4.08 17.94 -54.93
C ASN A 43 4.72 16.95 -55.90
N SER A 44 5.99 17.15 -56.22
CA SER A 44 6.71 16.27 -57.13
C SER A 44 7.55 15.24 -56.37
N ASP A 45 6.90 14.49 -55.49
CA ASP A 45 7.57 13.45 -54.71
C ASP A 45 6.51 12.55 -54.08
N LEU A 46 5.26 12.87 -54.36
CA LEU A 46 4.12 12.12 -53.86
C LEU A 46 2.96 12.48 -54.78
N GLN A 47 3.32 12.78 -56.03
CA GLN A 47 2.38 13.16 -57.07
C GLN A 47 1.39 12.07 -57.46
N ARG A 48 1.90 10.91 -57.90
CA ARG A 48 1.01 9.81 -58.29
C ARG A 48 0.53 9.01 -57.08
N CYS A 49 -0.29 9.66 -56.25
CA CYS A 49 -0.83 9.02 -55.05
C CYS A 49 -2.20 9.57 -54.69
N VAL A 50 -3.09 9.67 -55.68
CA VAL A 50 -4.44 10.19 -55.43
C VAL A 50 -5.22 9.23 -54.54
N ASN A 51 -4.80 7.96 -54.52
CA ASN A 51 -5.45 6.94 -53.72
C ASN A 51 -4.88 6.83 -52.31
N LEU A 52 -4.06 7.80 -51.93
CA LEU A 52 -3.48 7.81 -50.59
C LEU A 52 -4.35 8.66 -49.69
N GLN A 53 -4.78 8.08 -48.57
CA GLN A 53 -5.64 8.76 -47.62
C GLN A 53 -5.05 8.77 -46.22
N ALA A 54 -4.02 7.94 -46.02
CA ALA A 54 -3.36 7.85 -44.72
C ALA A 54 -1.96 8.44 -44.78
N LEU A 55 -1.83 9.67 -44.33
CA LEU A 55 -0.55 10.37 -44.31
C LEU A 55 -0.14 10.67 -42.88
N VAL A 56 1.01 10.13 -42.47
CA VAL A 56 1.51 10.34 -41.12
C VAL A 56 2.93 10.91 -41.10
N LEU A 57 3.03 12.20 -40.82
CA LEU A 57 4.31 12.89 -40.76
C LEU A 57 4.58 13.37 -39.34
N THR A 58 4.75 12.41 -38.43
CA THR A 58 4.99 12.72 -37.02
C THR A 58 6.48 12.97 -36.75
N SER A 59 6.78 14.13 -36.19
CA SER A 59 8.14 14.53 -35.85
C SER A 59 9.18 14.23 -36.93
N ASN A 60 9.30 15.14 -37.90
CA ASN A 60 10.26 15.00 -38.98
C ASN A 60 11.23 16.17 -39.03
N GLY A 61 10.73 17.35 -38.68
CA GLY A 61 11.57 18.55 -38.71
C GLY A 61 11.28 19.34 -39.97
N ILE A 62 10.05 19.18 -40.47
CA ILE A 62 9.61 19.86 -41.67
C ILE A 62 9.60 21.38 -41.53
N ASN A 63 10.45 22.06 -42.30
CA ASN A 63 10.54 23.51 -42.26
C ASN A 63 9.53 24.15 -43.21
N THR A 64 9.59 23.73 -44.47
CA THR A 64 8.70 24.26 -45.49
C THR A 64 8.06 23.17 -46.35
N ILE A 65 6.80 23.36 -46.67
CA ILE A 65 6.05 22.42 -47.50
C ILE A 65 5.54 23.15 -48.73
N GLU A 66 6.01 22.75 -49.91
CA GLU A 66 5.56 23.40 -51.13
C GLU A 66 4.07 23.19 -51.30
N GLU A 67 3.36 24.26 -51.60
CA GLU A 67 1.92 24.22 -51.77
C GLU A 67 1.51 23.31 -52.93
N ASP A 68 0.21 23.08 -53.05
CA ASP A 68 -0.36 22.23 -54.11
C ASP A 68 0.14 20.79 -54.05
N SER A 69 0.59 20.37 -52.87
CA SER A 69 1.10 19.01 -52.71
C SER A 69 0.10 18.05 -52.08
N PHE A 70 -1.03 18.59 -51.65
CA PHE A 70 -2.06 17.76 -51.03
C PHE A 70 -3.17 17.40 -52.02
N SER A 71 -3.02 17.87 -53.26
CA SER A 71 -3.98 17.57 -54.31
C SER A 71 -3.55 16.26 -54.97
N SER A 72 -2.25 15.99 -54.85
CA SER A 72 -1.65 14.78 -55.40
C SER A 72 -2.10 13.60 -54.56
N LEU A 73 -2.73 13.91 -53.43
CA LEU A 73 -3.25 12.89 -52.51
C LEU A 73 -4.77 12.90 -52.63
N GLY A 74 -5.30 13.98 -53.19
CA GLY A 74 -6.73 14.11 -53.37
C GLY A 74 -7.51 13.83 -52.10
N SER A 75 -8.09 12.63 -52.03
CA SER A 75 -8.86 12.23 -50.86
C SER A 75 -7.95 11.75 -49.75
N LEU A 76 -7.58 12.67 -48.86
CA LEU A 76 -6.71 12.35 -47.73
C LEU A 76 -7.55 12.40 -46.46
N GLU A 77 -7.44 11.37 -45.63
CA GLU A 77 -8.20 11.32 -44.38
C GLU A 77 -7.33 11.61 -43.16
N HIS A 78 -6.61 10.58 -42.70
CA HIS A 78 -5.74 10.69 -41.53
C HIS A 78 -4.50 11.51 -41.89
N LEU A 79 -4.64 12.84 -41.83
CA LEU A 79 -3.54 13.75 -42.14
C LEU A 79 -2.81 14.15 -40.85
N ASP A 80 -1.58 13.68 -40.71
CA ASP A 80 -0.78 13.97 -39.53
C ASP A 80 0.48 14.77 -39.85
N LEU A 81 0.64 15.90 -39.16
CA LEU A 81 1.79 16.78 -39.32
C LEU A 81 2.24 17.15 -37.91
N SER A 82 2.14 16.17 -37.01
CA SER A 82 2.50 16.35 -35.61
C SER A 82 3.98 16.62 -35.35
N TYR A 83 4.23 17.46 -34.36
CA TYR A 83 5.56 17.85 -33.93
C TYR A 83 6.63 18.04 -35.00
N ASN A 84 6.38 18.99 -35.90
CA ASN A 84 7.32 19.31 -36.97
C ASN A 84 7.74 20.76 -36.76
N TYR A 85 8.32 21.38 -37.78
CA TYR A 85 8.74 22.77 -37.66
C TYR A 85 8.00 23.71 -38.62
N LEU A 86 6.76 23.36 -38.94
CA LEU A 86 5.94 24.18 -39.84
C LEU A 86 5.45 25.38 -39.05
N SER A 87 6.28 26.42 -38.96
CA SER A 87 5.95 27.63 -38.21
C SER A 87 5.02 28.61 -38.92
N ASN A 88 4.60 28.28 -40.14
CA ASN A 88 3.70 29.17 -40.88
C ASN A 88 2.76 28.35 -41.75
N LEU A 89 1.55 28.12 -41.25
CA LEU A 89 0.54 27.35 -41.98
C LEU A 89 -0.11 28.18 -43.07
N SER A 90 -0.92 27.53 -43.90
CA SER A 90 -1.61 28.21 -45.00
C SER A 90 -2.83 27.40 -45.44
N SER A 91 -3.95 28.11 -45.66
CA SER A 91 -5.20 27.48 -46.08
C SER A 91 -5.06 26.79 -47.44
N SER A 92 -3.88 26.90 -48.04
CA SER A 92 -3.62 26.29 -49.34
C SER A 92 -3.65 24.77 -49.25
N TRP A 93 -3.05 24.23 -48.19
CA TRP A 93 -3.01 22.79 -47.96
C TRP A 93 -4.38 22.25 -47.59
N PHE A 94 -5.21 23.11 -47.00
CA PHE A 94 -6.55 22.72 -46.58
C PHE A 94 -7.54 23.13 -47.65
N LYS A 95 -7.12 22.98 -48.90
CA LYS A 95 -7.93 23.31 -50.07
C LYS A 95 -8.15 22.04 -50.91
N PRO A 96 -7.07 21.28 -51.16
CA PRO A 96 -7.17 20.06 -51.97
C PRO A 96 -7.89 18.94 -51.21
N LEU A 97 -7.76 18.95 -49.90
CA LEU A 97 -8.38 17.92 -49.05
C LEU A 97 -9.88 17.86 -49.26
N SER A 98 -10.35 16.70 -49.72
CA SER A 98 -11.77 16.48 -49.98
C SER A 98 -12.43 15.64 -48.90
N SER A 99 -11.82 14.51 -48.57
CA SER A 99 -12.35 13.61 -47.56
C SER A 99 -11.38 13.46 -46.39
N LEU A 100 -11.32 14.49 -45.56
CA LEU A 100 -10.44 14.51 -44.38
C LEU A 100 -11.23 14.16 -43.12
N THR A 101 -10.55 13.57 -42.13
CA THR A 101 -11.19 13.20 -40.88
C THR A 101 -10.35 13.54 -39.65
N PHE A 102 -9.03 13.42 -39.79
CA PHE A 102 -8.11 13.68 -38.71
C PHE A 102 -6.95 14.61 -39.14
N LEU A 103 -6.94 15.82 -38.58
CA LEU A 103 -5.92 16.82 -38.88
C LEU A 103 -5.22 17.25 -37.60
N ASN A 104 -3.97 16.83 -37.44
CA ASN A 104 -3.20 17.15 -36.24
C ASN A 104 -1.97 18.00 -36.53
N LEU A 105 -1.95 19.22 -36.01
CA LEU A 105 -0.82 20.13 -36.20
C LEU A 105 -0.21 20.55 -34.87
N LEU A 106 -0.19 19.62 -33.91
CA LEU A 106 0.37 19.92 -32.58
C LEU A 106 1.88 19.75 -32.55
N GLY A 107 2.56 20.65 -31.87
CA GLY A 107 4.01 20.56 -31.76
C GLY A 107 4.81 21.36 -32.78
N ASN A 108 4.17 22.29 -33.48
CA ASN A 108 4.85 23.09 -34.47
C ASN A 108 5.04 24.54 -34.00
N PRO A 109 6.20 25.13 -34.30
CA PRO A 109 6.57 26.51 -33.93
C PRO A 109 5.58 27.62 -34.26
N TYR A 110 4.54 27.34 -35.03
CA TYR A 110 3.59 28.40 -35.36
C TYR A 110 2.96 28.95 -34.09
N LYS A 111 2.69 30.25 -34.10
CA LYS A 111 2.08 30.92 -32.94
C LYS A 111 0.75 31.53 -33.30
N THR A 112 0.26 31.19 -34.50
CA THR A 112 -1.02 31.70 -34.98
C THR A 112 -1.50 30.82 -36.12
N LEU A 113 -2.74 31.03 -36.55
CA LEU A 113 -3.32 30.27 -37.64
C LEU A 113 -3.55 31.18 -38.84
N GLY A 114 -3.02 32.40 -38.75
CA GLY A 114 -3.16 33.37 -39.82
C GLY A 114 -4.53 33.99 -39.90
N GLU A 115 -4.59 35.25 -40.32
CA GLU A 115 -5.86 35.94 -40.45
C GLU A 115 -6.50 35.62 -41.80
N THR A 116 -6.20 34.41 -42.28
CA THR A 116 -6.73 33.93 -43.56
C THR A 116 -7.50 32.64 -43.28
N SER A 117 -8.73 32.80 -42.83
CA SER A 117 -9.63 31.69 -42.49
C SER A 117 -9.12 30.29 -42.83
N LEU A 118 -8.29 29.75 -41.94
CA LEU A 118 -7.70 28.43 -42.11
C LEU A 118 -8.78 27.33 -41.97
N PHE A 119 -8.45 26.13 -42.42
CA PHE A 119 -9.38 25.00 -42.35
C PHE A 119 -10.70 25.39 -43.02
N SER A 120 -10.80 25.16 -44.32
CA SER A 120 -12.02 25.53 -45.05
C SER A 120 -12.64 24.40 -45.84
N HIS A 121 -12.07 24.14 -47.02
CA HIS A 121 -12.57 23.10 -47.93
C HIS A 121 -12.49 21.69 -47.36
N LEU A 122 -11.94 21.56 -46.15
CA LEU A 122 -11.84 20.25 -45.50
C LEU A 122 -13.08 20.05 -44.65
N THR A 123 -14.23 20.40 -45.23
CA THR A 123 -15.52 20.28 -44.58
C THR A 123 -15.98 18.83 -44.40
N LYS A 124 -15.13 18.02 -43.79
CA LYS A 124 -15.43 16.62 -43.53
C LYS A 124 -14.70 16.12 -42.29
N LEU A 125 -13.89 17.00 -41.70
CA LEU A 125 -13.12 16.63 -40.51
C LEU A 125 -14.00 16.55 -39.27
N GLN A 126 -13.59 15.69 -38.34
CA GLN A 126 -14.32 15.51 -37.09
C GLN A 126 -13.38 15.69 -35.91
N ILE A 127 -12.08 15.57 -36.20
CA ILE A 127 -11.05 15.71 -35.19
C ILE A 127 -10.01 16.71 -35.68
N LEU A 128 -9.71 17.69 -34.83
CA LEU A 128 -8.73 18.71 -35.18
C LEU A 128 -7.92 19.09 -33.95
N ARG A 129 -6.65 18.71 -33.93
CA ARG A 129 -5.77 19.02 -32.81
C ARG A 129 -4.81 20.14 -33.22
N VAL A 130 -5.14 21.37 -32.81
CA VAL A 130 -4.33 22.53 -33.15
C VAL A 130 -3.71 23.24 -31.96
N GLY A 131 -2.40 23.51 -32.04
CA GLY A 131 -1.72 24.21 -30.96
C GLY A 131 -0.40 23.59 -30.53
N ASN A 132 0.33 24.31 -29.68
CA ASN A 132 1.60 23.84 -29.16
C ASN A 132 1.88 24.50 -27.82
N MET A 133 2.43 23.74 -26.89
CA MET A 133 2.74 24.24 -25.56
C MET A 133 4.07 25.00 -25.57
N ASP A 134 4.21 25.90 -26.54
CA ASP A 134 5.44 26.68 -26.68
C ASP A 134 5.20 28.14 -27.05
N THR A 135 4.49 28.38 -28.15
CA THR A 135 4.26 29.75 -28.59
C THR A 135 2.88 30.13 -29.16
N PHE A 136 2.00 29.16 -29.36
CA PHE A 136 0.67 29.49 -29.88
C PHE A 136 -0.01 30.45 -28.90
N THR A 137 -0.21 31.69 -29.33
CA THR A 137 -0.81 32.69 -28.44
C THR A 137 -2.01 33.47 -28.97
N LYS A 138 -2.52 33.12 -30.15
CA LYS A 138 -3.67 33.86 -30.71
C LYS A 138 -4.73 33.03 -31.40
N ILE A 139 -6.00 33.35 -31.10
CA ILE A 139 -7.14 32.67 -31.69
C ILE A 139 -8.18 33.71 -32.08
N GLN A 140 -8.36 33.91 -33.38
CA GLN A 140 -9.34 34.89 -33.88
C GLN A 140 -10.51 34.18 -34.58
N ARG A 141 -11.53 34.95 -34.93
CA ARG A 141 -12.69 34.38 -35.63
C ARG A 141 -12.22 33.85 -36.97
N LYS A 142 -11.09 34.39 -37.42
CA LYS A 142 -10.47 34.02 -38.68
C LYS A 142 -9.86 32.63 -38.61
N ASP A 143 -10.39 31.84 -37.68
CA ASP A 143 -9.96 30.45 -37.47
C ASP A 143 -11.24 29.68 -37.19
N PHE A 144 -11.23 28.39 -37.48
CA PHE A 144 -12.41 27.56 -37.22
C PHE A 144 -13.66 28.13 -37.91
N ALA A 145 -13.51 28.51 -39.17
CA ALA A 145 -14.63 29.06 -39.93
C ALA A 145 -15.17 28.04 -40.91
N GLY A 146 -14.28 27.26 -41.50
CA GLY A 146 -14.69 26.23 -42.46
C GLY A 146 -15.00 24.90 -41.80
N LEU A 147 -15.64 24.94 -40.63
CA LEU A 147 -16.01 23.74 -39.90
C LEU A 147 -17.10 24.08 -38.88
N THR A 148 -18.23 23.41 -38.99
CA THR A 148 -19.36 23.66 -38.09
C THR A 148 -19.68 22.45 -37.22
N PHE A 149 -19.13 21.29 -37.60
CA PHE A 149 -19.36 20.05 -36.86
C PHE A 149 -18.10 19.20 -36.77
N LEU A 150 -17.80 18.74 -35.56
CA LEU A 150 -16.65 17.87 -35.31
C LEU A 150 -16.74 17.20 -33.94
N GLU A 151 -16.31 15.95 -33.89
CA GLU A 151 -16.35 15.16 -32.66
C GLU A 151 -15.39 15.65 -31.59
N GLU A 152 -14.11 15.70 -31.91
CA GLU A 152 -13.09 16.12 -30.96
C GLU A 152 -12.31 17.33 -31.44
N LEU A 153 -12.20 18.35 -30.58
CA LEU A 153 -11.47 19.56 -30.89
C LEU A 153 -10.49 19.85 -29.76
N GLU A 154 -9.20 19.67 -30.03
CA GLU A 154 -8.17 19.91 -29.03
C GLU A 154 -7.34 21.12 -29.39
N ILE A 155 -7.29 22.10 -28.48
CA ILE A 155 -6.54 23.31 -28.70
C ILE A 155 -5.49 23.53 -27.61
N ASP A 156 -4.22 23.29 -27.96
CA ASP A 156 -3.14 23.49 -27.01
C ASP A 156 -2.79 24.97 -26.92
N ALA A 157 -3.51 25.70 -26.08
CA ALA A 157 -3.28 27.13 -25.91
C ALA A 157 -2.59 27.42 -24.57
N SER A 158 -1.55 26.65 -24.26
CA SER A 158 -0.81 26.81 -23.03
C SER A 158 -0.49 28.26 -22.67
N ASP A 159 0.21 28.94 -23.57
CA ASP A 159 0.56 30.34 -23.33
C ASP A 159 -0.37 31.33 -24.01
N LEU A 160 -1.63 30.92 -24.20
CA LEU A 160 -2.62 31.78 -24.84
C LEU A 160 -2.62 33.17 -24.19
N GLN A 161 -2.25 34.18 -24.96
CA GLN A 161 -2.19 35.54 -24.43
C GLN A 161 -3.45 36.36 -24.78
N SER A 162 -4.08 36.04 -25.91
CA SER A 162 -5.29 36.74 -26.33
C SER A 162 -6.26 35.87 -27.12
N TYR A 163 -7.55 36.08 -26.90
CA TYR A 163 -8.61 35.33 -27.56
C TYR A 163 -9.64 36.31 -28.12
N GLU A 164 -9.69 36.41 -29.44
CA GLU A 164 -10.63 37.30 -30.11
C GLU A 164 -12.03 36.78 -29.86
N PRO A 165 -12.96 37.66 -29.47
CA PRO A 165 -14.33 37.20 -29.20
C PRO A 165 -14.99 36.34 -30.27
N LYS A 166 -15.78 35.39 -29.80
CA LYS A 166 -16.53 34.47 -30.66
C LYS A 166 -15.70 33.66 -31.66
N SER A 167 -14.41 33.50 -31.39
CA SER A 167 -13.55 32.74 -32.29
C SER A 167 -13.90 31.25 -32.24
N LEU A 168 -14.78 30.86 -31.33
CA LEU A 168 -15.20 29.47 -31.18
C LEU A 168 -16.71 29.31 -31.22
N LYS A 169 -17.43 30.44 -31.18
CA LYS A 169 -18.88 30.40 -31.21
C LYS A 169 -19.38 30.02 -32.60
N SER A 170 -18.45 29.92 -33.54
CA SER A 170 -18.77 29.55 -34.92
C SER A 170 -19.23 28.10 -34.98
N ILE A 171 -18.35 27.20 -34.57
CA ILE A 171 -18.67 25.77 -34.56
C ILE A 171 -19.96 25.56 -33.76
N GLN A 172 -20.90 24.83 -34.33
CA GLN A 172 -22.17 24.59 -33.67
C GLN A 172 -22.15 23.45 -32.65
N ASN A 173 -21.51 22.34 -33.01
CA ASN A 173 -21.43 21.20 -32.11
C ASN A 173 -20.04 20.59 -32.01
N VAL A 174 -19.61 20.35 -30.76
CA VAL A 174 -18.33 19.73 -30.47
C VAL A 174 -18.60 18.75 -29.34
N SER A 175 -18.44 17.46 -29.61
CA SER A 175 -18.71 16.44 -28.61
C SER A 175 -17.68 16.41 -27.49
N HIS A 176 -16.44 16.69 -27.83
CA HIS A 176 -15.36 16.71 -26.84
C HIS A 176 -14.40 17.86 -27.16
N LEU A 177 -14.33 18.82 -26.25
CA LEU A 177 -13.45 19.97 -26.41
C LEU A 177 -12.35 19.95 -25.35
N ILE A 178 -11.11 19.83 -25.79
CA ILE A 178 -9.96 19.79 -24.90
C ILE A 178 -9.16 21.10 -24.98
N LEU A 179 -9.04 21.78 -23.84
CA LEU A 179 -8.33 23.05 -23.82
C LEU A 179 -7.13 23.07 -22.88
N HIS A 180 -5.97 23.46 -23.43
CA HIS A 180 -4.75 23.58 -22.63
C HIS A 180 -4.57 25.09 -22.39
N MET A 181 -4.42 25.48 -21.13
CA MET A 181 -4.25 26.89 -20.78
C MET A 181 -3.67 27.04 -19.37
N LYS A 182 -2.52 27.70 -19.26
CA LYS A 182 -1.88 27.90 -17.97
C LYS A 182 -2.63 28.91 -17.11
N GLN A 183 -2.86 30.11 -17.63
CA GLN A 183 -3.56 31.16 -16.89
C GLN A 183 -5.06 31.10 -17.11
N HIS A 184 -5.81 31.67 -16.18
CA HIS A 184 -7.28 31.67 -16.26
C HIS A 184 -7.82 33.03 -16.69
N ILE A 185 -6.93 33.87 -17.20
CA ILE A 185 -7.34 35.20 -17.64
C ILE A 185 -8.48 35.15 -18.66
N LEU A 186 -8.27 34.44 -19.76
CA LEU A 186 -9.27 34.35 -20.82
C LEU A 186 -10.17 33.12 -20.75
N LEU A 187 -10.36 32.57 -19.56
CA LEU A 187 -11.18 31.38 -19.39
C LEU A 187 -12.69 31.63 -19.50
N LEU A 188 -13.18 32.65 -18.79
CA LEU A 188 -14.60 32.97 -18.82
C LEU A 188 -15.12 33.38 -20.19
N GLU A 189 -14.27 34.04 -20.98
CA GLU A 189 -14.69 34.49 -22.30
C GLU A 189 -14.61 33.39 -23.34
N ILE A 190 -13.82 32.35 -23.07
CA ILE A 190 -13.74 31.24 -24.00
C ILE A 190 -14.90 30.32 -23.66
N PHE A 191 -15.34 30.38 -22.40
CA PHE A 191 -16.44 29.55 -21.92
C PHE A 191 -17.78 29.99 -22.50
N VAL A 192 -18.06 31.29 -22.43
CA VAL A 192 -19.32 31.81 -22.94
C VAL A 192 -19.66 31.41 -24.38
N ASP A 193 -18.64 31.21 -25.20
CA ASP A 193 -18.86 30.85 -26.59
C ASP A 193 -18.85 29.34 -26.88
N VAL A 194 -18.54 28.52 -25.88
CA VAL A 194 -18.51 27.08 -26.11
C VAL A 194 -19.52 26.32 -25.26
N THR A 195 -20.00 26.97 -24.21
CA THR A 195 -20.96 26.35 -23.30
C THR A 195 -22.20 25.74 -23.98
N SER A 196 -22.71 26.39 -25.01
CA SER A 196 -23.89 25.87 -25.71
C SER A 196 -23.52 24.99 -26.90
N SER A 197 -22.21 24.86 -27.15
CA SER A 197 -21.74 24.07 -28.28
C SER A 197 -21.01 22.78 -27.92
N VAL A 198 -20.54 22.65 -26.68
CA VAL A 198 -19.79 21.47 -26.27
C VAL A 198 -20.55 20.50 -25.36
N GLU A 199 -20.19 19.23 -25.44
CA GLU A 199 -20.81 18.19 -24.61
C GLU A 199 -19.88 17.76 -23.47
N CYS A 200 -18.65 17.41 -23.83
CA CYS A 200 -17.64 16.99 -22.85
C CYS A 200 -16.46 17.95 -22.88
N LEU A 201 -16.43 18.89 -21.94
CA LEU A 201 -15.37 19.88 -21.87
C LEU A 201 -14.20 19.42 -20.99
N GLU A 202 -12.98 19.70 -21.41
CA GLU A 202 -11.82 19.31 -20.62
C GLU A 202 -10.78 20.42 -20.58
N LEU A 203 -10.46 20.87 -19.37
CA LEU A 203 -9.49 21.93 -19.13
C LEU A 203 -8.20 21.31 -18.62
N ARG A 204 -7.07 21.69 -19.21
CA ARG A 204 -5.78 21.15 -18.78
C ARG A 204 -4.75 22.18 -18.37
N ASP A 205 -3.87 21.78 -17.45
CA ASP A 205 -2.75 22.58 -16.97
C ASP A 205 -3.02 23.98 -16.42
N THR A 206 -4.29 24.33 -16.20
CA THR A 206 -4.60 25.67 -15.73
C THR A 206 -4.43 25.93 -14.24
N ASP A 207 -3.77 27.05 -13.92
CA ASP A 207 -3.59 27.45 -12.54
C ASP A 207 -4.87 28.21 -12.19
N LEU A 208 -5.73 27.59 -11.39
CA LEU A 208 -6.99 28.20 -10.99
C LEU A 208 -6.97 28.78 -9.58
N ASP A 209 -5.77 28.96 -9.01
CA ASP A 209 -5.70 29.59 -7.70
C ASP A 209 -6.10 31.02 -8.07
N THR A 210 -6.77 31.70 -7.16
CA THR A 210 -7.21 33.08 -7.42
C THR A 210 -8.25 33.20 -8.54
N PHE A 211 -8.72 32.09 -9.09
CA PHE A 211 -9.74 32.17 -10.12
C PHE A 211 -10.98 32.74 -9.46
N HIS A 212 -11.55 33.77 -10.04
CA HIS A 212 -12.73 34.40 -9.48
C HIS A 212 -13.85 34.36 -10.52
N PHE A 213 -15.06 34.03 -10.08
CA PHE A 213 -16.17 33.97 -11.00
C PHE A 213 -17.01 35.24 -10.96
N SER A 214 -17.32 35.77 -12.14
CA SER A 214 -18.13 36.97 -12.27
C SER A 214 -19.26 36.66 -13.25
N GLU A 215 -20.49 36.98 -12.85
CA GLU A 215 -21.64 36.71 -13.71
C GLU A 215 -21.44 37.19 -15.13
N LEU A 216 -21.04 36.27 -16.00
CA LEU A 216 -20.80 36.56 -17.40
C LEU A 216 -22.11 36.74 -18.15
N SER A 217 -22.12 37.67 -19.10
CA SER A 217 -23.31 37.94 -19.91
C SER A 217 -23.40 36.98 -21.09
N THR A 218 -23.60 35.71 -20.79
CA THR A 218 -23.71 34.67 -21.81
C THR A 218 -25.19 34.42 -22.13
N GLY A 219 -26.07 35.01 -21.33
CA GLY A 219 -27.50 34.85 -21.53
C GLY A 219 -28.06 33.65 -20.79
N GLU A 220 -29.38 33.51 -20.82
CA GLU A 220 -30.04 32.39 -20.17
C GLU A 220 -30.04 31.16 -21.05
N THR A 221 -29.09 31.10 -21.98
CA THR A 221 -28.96 29.98 -22.89
C THR A 221 -28.44 28.77 -22.13
N ASN A 222 -29.21 27.69 -22.13
CA ASN A 222 -28.83 26.47 -21.44
C ASN A 222 -27.51 25.92 -21.98
N SER A 223 -26.72 25.32 -21.09
CA SER A 223 -25.42 24.75 -21.46
C SER A 223 -25.62 23.35 -22.04
N LEU A 224 -24.75 22.98 -22.97
CA LEU A 224 -24.80 21.67 -23.61
C LEU A 224 -23.84 20.70 -22.89
N ILE A 225 -23.06 21.25 -21.97
CA ILE A 225 -22.08 20.49 -21.21
C ILE A 225 -22.70 19.51 -20.20
N LYS A 226 -22.32 18.25 -20.29
CA LYS A 226 -22.80 17.23 -19.37
C LYS A 226 -21.64 16.65 -18.56
N LYS A 227 -20.44 16.79 -19.10
CA LYS A 227 -19.22 16.31 -18.45
C LYS A 227 -18.17 17.42 -18.50
N PHE A 228 -17.63 17.76 -17.33
CA PHE A 228 -16.61 18.80 -17.21
C PHE A 228 -15.41 18.16 -16.52
N THR A 229 -14.29 18.08 -17.23
CA THR A 229 -13.07 17.48 -16.72
C THR A 229 -11.98 18.52 -16.50
N PHE A 230 -11.30 18.40 -15.36
CA PHE A 230 -10.19 19.29 -15.01
C PHE A 230 -8.98 18.39 -14.88
N ARG A 231 -7.94 18.62 -15.67
CA ARG A 231 -6.75 17.78 -15.61
C ARG A 231 -5.48 18.61 -15.33
N ASN A 232 -4.70 18.18 -14.35
CA ASN A 232 -3.46 18.87 -13.96
C ASN A 232 -3.73 20.35 -13.70
N VAL A 233 -4.82 20.61 -12.96
CA VAL A 233 -5.24 21.95 -12.60
C VAL A 233 -4.89 22.25 -11.14
N LYS A 234 -4.58 23.51 -10.83
CA LYS A 234 -4.26 23.92 -9.47
C LYS A 234 -5.42 24.73 -8.92
N ILE A 235 -5.89 24.38 -7.73
CA ILE A 235 -7.03 25.05 -7.14
C ILE A 235 -6.78 25.28 -5.64
N THR A 236 -7.47 26.27 -5.06
CA THR A 236 -7.35 26.54 -3.62
C THR A 236 -8.76 26.37 -3.05
N ASP A 237 -8.90 26.44 -1.73
CA ASP A 237 -10.21 26.29 -1.12
C ASP A 237 -11.18 27.34 -1.64
N GLU A 238 -10.75 28.59 -1.69
CA GLU A 238 -11.61 29.67 -2.17
C GLU A 238 -11.95 29.57 -3.66
N SER A 239 -10.95 29.32 -4.50
CA SER A 239 -11.21 29.24 -5.94
C SER A 239 -12.09 28.03 -6.28
N LEU A 240 -11.97 26.96 -5.51
CA LEU A 240 -12.77 25.75 -5.74
C LEU A 240 -14.26 26.14 -5.65
N PHE A 241 -14.58 27.04 -4.72
CA PHE A 241 -15.94 27.52 -4.55
C PHE A 241 -16.31 28.35 -5.79
N GLN A 242 -15.36 29.14 -6.26
CA GLN A 242 -15.59 29.96 -7.45
C GLN A 242 -15.87 29.06 -8.64
N VAL A 243 -15.16 27.93 -8.71
CA VAL A 243 -15.35 26.98 -9.79
C VAL A 243 -16.75 26.40 -9.68
N MET A 244 -17.20 26.20 -8.46
CA MET A 244 -18.52 25.66 -8.22
C MET A 244 -19.58 26.61 -8.78
N LYS A 245 -19.40 27.90 -8.55
CA LYS A 245 -20.35 28.89 -9.05
C LYS A 245 -20.41 28.81 -10.58
N LEU A 246 -19.27 28.53 -11.20
CA LEU A 246 -19.22 28.41 -12.66
C LEU A 246 -19.98 27.15 -13.09
N LEU A 247 -19.79 26.06 -12.36
CA LEU A 247 -20.46 24.81 -12.67
C LEU A 247 -21.98 24.96 -12.58
N ASN A 248 -22.45 25.81 -11.67
CA ASN A 248 -23.89 26.05 -11.52
C ASN A 248 -24.48 26.78 -12.72
N GLN A 249 -23.63 27.11 -13.70
CA GLN A 249 -24.05 27.78 -14.92
C GLN A 249 -24.31 26.70 -15.97
N ILE A 250 -24.14 25.45 -15.55
CA ILE A 250 -24.33 24.29 -16.41
C ILE A 250 -25.34 23.37 -15.72
N SER A 251 -26.60 23.80 -15.70
CA SER A 251 -27.65 23.04 -15.04
C SER A 251 -27.77 21.59 -15.52
N GLY A 252 -27.27 21.29 -16.71
CA GLY A 252 -27.35 19.94 -17.24
C GLY A 252 -26.14 19.09 -16.91
N LEU A 253 -25.18 19.65 -16.17
CA LEU A 253 -23.97 18.92 -15.80
C LEU A 253 -24.33 17.66 -15.03
N LEU A 254 -23.75 16.54 -15.42
CA LEU A 254 -24.04 15.26 -14.77
C LEU A 254 -22.81 14.58 -14.18
N GLU A 255 -21.66 14.86 -14.76
CA GLU A 255 -20.41 14.24 -14.34
C GLU A 255 -19.28 15.27 -14.18
N LEU A 256 -18.62 15.22 -13.04
CA LEU A 256 -17.52 16.14 -12.72
C LEU A 256 -16.26 15.30 -12.51
N GLU A 257 -15.15 15.70 -13.12
CA GLU A 257 -13.91 14.93 -12.98
C GLU A 257 -12.64 15.76 -12.74
N PHE A 258 -11.78 15.26 -11.86
CA PHE A 258 -10.52 15.94 -11.54
C PHE A 258 -9.37 14.92 -11.59
N ASP A 259 -8.51 15.04 -12.60
CA ASP A 259 -7.38 14.12 -12.75
C ASP A 259 -6.05 14.80 -12.50
N ASP A 260 -5.26 14.26 -11.58
CA ASP A 260 -3.94 14.79 -11.27
C ASP A 260 -3.90 16.27 -10.91
N CYS A 261 -4.89 16.73 -10.15
CA CYS A 261 -4.93 18.14 -9.77
C CYS A 261 -4.29 18.38 -8.40
N THR A 262 -4.16 19.65 -8.05
CA THR A 262 -3.58 20.02 -6.78
C THR A 262 -4.51 20.98 -6.07
N LEU A 263 -4.89 20.63 -4.85
CA LEU A 263 -5.75 21.47 -4.03
C LEU A 263 -4.87 22.11 -2.96
N ASN A 264 -4.61 23.41 -3.11
CA ASN A 264 -3.79 24.10 -2.12
C ASN A 264 -4.73 24.59 -1.03
N GLY A 265 -5.16 23.66 -0.18
CA GLY A 265 -6.06 24.00 0.89
C GLY A 265 -6.24 22.82 1.82
N VAL A 266 -7.16 22.97 2.77
CA VAL A 266 -7.43 21.92 3.74
C VAL A 266 -8.91 21.57 3.71
N GLY A 267 -9.60 22.01 2.68
CA GLY A 267 -11.03 21.70 2.55
C GLY A 267 -11.97 22.59 3.32
N ASN A 268 -11.51 23.77 3.70
CA ASN A 268 -12.36 24.71 4.41
C ASN A 268 -13.06 25.51 3.31
N PHE A 269 -14.02 24.88 2.65
CA PHE A 269 -14.75 25.52 1.57
C PHE A 269 -16.01 26.22 2.11
N ARG A 270 -16.60 27.07 1.30
CA ARG A 270 -17.85 27.71 1.68
C ARG A 270 -18.88 27.12 0.71
N ALA A 271 -20.06 26.78 1.23
CA ALA A 271 -21.09 26.19 0.37
C ALA A 271 -22.04 27.25 -0.19
N SER A 272 -21.85 28.50 0.25
CA SER A 272 -22.68 29.61 -0.19
C SER A 272 -21.89 30.90 -0.28
N ASP A 273 -22.48 31.88 -0.95
CA ASP A 273 -21.86 33.18 -1.08
C ASP A 273 -22.81 34.18 -0.43
N ASN A 274 -22.83 35.40 -0.96
CA ASN A 274 -23.72 36.44 -0.47
C ASN A 274 -24.91 36.53 -1.40
N ASP A 275 -24.75 35.97 -2.60
CA ASP A 275 -25.81 35.99 -3.60
C ASP A 275 -26.44 34.61 -3.83
N ARG A 276 -25.73 33.76 -4.56
CA ARG A 276 -26.20 32.42 -4.88
C ARG A 276 -25.48 31.33 -4.07
N VAL A 277 -26.24 30.39 -3.52
CA VAL A 277 -25.66 29.30 -2.75
C VAL A 277 -25.42 28.18 -3.76
N ILE A 278 -24.35 27.42 -3.60
CA ILE A 278 -24.06 26.33 -4.54
C ILE A 278 -25.16 25.28 -4.58
N ASP A 279 -25.62 24.99 -5.79
CA ASP A 279 -26.69 24.02 -6.02
C ASP A 279 -26.11 22.68 -6.50
N PRO A 280 -26.57 21.57 -5.92
CA PRO A 280 -26.09 20.24 -6.32
C PRO A 280 -26.39 19.96 -7.80
N GLY A 281 -27.45 20.59 -8.30
CA GLY A 281 -27.82 20.39 -9.69
C GLY A 281 -28.19 18.94 -9.96
N LYS A 282 -27.73 18.44 -11.10
CA LYS A 282 -28.02 17.07 -11.49
C LYS A 282 -26.75 16.22 -11.54
N VAL A 283 -25.68 16.73 -10.95
CA VAL A 283 -24.42 15.99 -10.95
C VAL A 283 -24.62 14.68 -10.20
N GLU A 284 -24.39 13.57 -10.91
CA GLU A 284 -24.57 12.26 -10.29
C GLU A 284 -23.27 11.49 -10.10
N THR A 285 -22.21 11.88 -10.81
CA THR A 285 -20.94 11.19 -10.65
C THR A 285 -19.76 12.15 -10.47
N LEU A 286 -18.94 11.85 -9.46
CA LEU A 286 -17.76 12.66 -9.16
C LEU A 286 -16.55 11.73 -9.22
N THR A 287 -15.59 12.08 -10.07
CA THR A 287 -14.39 11.28 -10.24
C THR A 287 -13.15 12.12 -9.94
N ILE A 288 -12.41 11.70 -8.91
CA ILE A 288 -11.19 12.38 -8.50
C ILE A 288 -10.07 11.35 -8.47
N ARG A 289 -9.02 11.62 -9.24
CA ARG A 289 -7.88 10.72 -9.28
C ARG A 289 -6.58 11.46 -9.00
N ARG A 290 -5.79 10.92 -8.08
CA ARG A 290 -4.49 11.51 -7.73
C ARG A 290 -4.58 13.01 -7.45
N LEU A 291 -5.38 13.38 -6.45
CA LEU A 291 -5.51 14.77 -6.07
C LEU A 291 -4.42 15.06 -5.04
N HIS A 292 -3.47 15.92 -5.39
CA HIS A 292 -2.39 16.26 -4.50
C HIS A 292 -2.85 17.35 -3.54
N ILE A 293 -2.74 17.05 -2.24
CA ILE A 293 -3.10 18.00 -1.19
C ILE A 293 -1.90 18.08 -0.24
N PRO A 294 -1.08 19.13 -0.37
CA PRO A 294 0.10 19.31 0.48
C PRO A 294 -0.13 18.99 1.97
N ARG A 295 -1.25 19.45 2.52
CA ARG A 295 -1.56 19.22 3.93
C ARG A 295 -2.71 18.24 4.09
N PHE A 296 -2.62 17.09 3.43
CA PHE A 296 -3.67 16.08 3.48
C PHE A 296 -3.95 15.62 4.91
N TYR A 297 -2.91 15.59 5.74
CA TYR A 297 -3.04 15.14 7.13
C TYR A 297 -3.78 16.15 7.99
N LEU A 298 -4.06 17.32 7.42
CA LEU A 298 -4.77 18.41 8.11
C LEU A 298 -6.17 18.65 7.53
N PHE A 299 -6.56 17.87 6.53
CA PHE A 299 -7.86 18.06 5.88
C PHE A 299 -9.09 18.06 6.81
N TYR A 300 -10.06 18.93 6.50
CA TYR A 300 -11.28 19.07 7.30
C TYR A 300 -12.30 17.95 7.04
N ASP A 301 -13.31 17.86 7.91
CA ASP A 301 -14.34 16.83 7.77
C ASP A 301 -15.36 17.06 6.65
N LEU A 302 -15.17 18.12 5.88
CA LEU A 302 -16.05 18.42 4.76
C LEU A 302 -17.50 18.72 5.11
N SER A 303 -17.77 19.07 6.35
CA SER A 303 -19.14 19.37 6.75
C SER A 303 -19.64 20.58 5.96
N THR A 304 -18.70 21.38 5.44
CA THR A 304 -19.07 22.55 4.66
C THR A 304 -19.62 22.17 3.29
N LEU A 305 -19.79 20.87 3.03
CA LEU A 305 -20.28 20.42 1.74
C LEU A 305 -21.52 19.53 1.86
N TYR A 306 -22.01 19.34 3.09
CA TYR A 306 -23.19 18.50 3.32
C TYR A 306 -24.38 18.76 2.40
N SER A 307 -24.53 20.00 1.95
CA SER A 307 -25.65 20.37 1.10
C SER A 307 -25.48 20.01 -0.38
N LEU A 308 -24.39 19.33 -0.71
CA LEU A 308 -24.14 18.97 -2.10
C LEU A 308 -23.96 17.47 -2.23
N THR A 309 -24.25 16.74 -1.15
CA THR A 309 -24.06 15.30 -1.10
C THR A 309 -25.28 14.40 -1.29
N GLU A 310 -26.46 14.92 -1.02
CA GLU A 310 -27.69 14.14 -1.12
C GLU A 310 -28.03 13.46 -2.45
N ARG A 311 -27.55 13.98 -3.57
CA ARG A 311 -27.91 13.39 -4.85
C ARG A 311 -26.88 12.58 -5.64
N VAL A 312 -25.59 12.83 -5.42
CA VAL A 312 -24.56 12.11 -6.17
C VAL A 312 -24.70 10.58 -6.02
N LYS A 313 -24.61 9.88 -7.15
CA LYS A 313 -24.76 8.42 -7.16
C LYS A 313 -23.46 7.63 -7.31
N ARG A 314 -22.43 8.24 -7.90
CA ARG A 314 -21.17 7.54 -8.08
C ARG A 314 -19.99 8.43 -7.67
N ILE A 315 -19.12 7.90 -6.82
CA ILE A 315 -17.97 8.67 -6.39
C ILE A 315 -16.70 7.86 -6.48
N THR A 316 -15.67 8.49 -7.03
CA THR A 316 -14.37 7.87 -7.13
C THR A 316 -13.39 8.90 -6.59
N VAL A 317 -12.58 8.48 -5.63
CA VAL A 317 -11.53 9.32 -5.05
C VAL A 317 -10.38 8.32 -4.94
N GLU A 318 -9.60 8.25 -6.00
CA GLU A 318 -8.53 7.30 -6.08
C GLU A 318 -7.12 7.85 -5.87
N ASN A 319 -6.31 7.08 -5.16
CA ASN A 319 -4.92 7.42 -4.91
C ASN A 319 -4.78 8.89 -4.47
N SER A 320 -5.52 9.26 -3.42
CA SER A 320 -5.47 10.63 -2.93
C SER A 320 -5.29 10.68 -1.43
N LYS A 321 -4.65 9.66 -0.87
CA LYS A 321 -4.36 9.64 0.57
C LYS A 321 -5.59 9.71 1.49
N VAL A 322 -6.69 9.09 1.08
CA VAL A 322 -7.88 9.05 1.90
C VAL A 322 -7.68 8.09 3.06
N PHE A 323 -7.83 8.61 4.27
CA PHE A 323 -7.68 7.77 5.45
C PHE A 323 -8.99 7.70 6.23
N LEU A 324 -9.97 8.50 5.83
CA LEU A 324 -11.27 8.51 6.49
C LEU A 324 -12.34 9.30 5.75
N VAL A 325 -13.53 8.72 5.71
CA VAL A 325 -14.70 9.39 5.14
C VAL A 325 -15.52 9.48 6.42
N PRO A 326 -15.59 10.68 7.02
CA PRO A 326 -16.34 10.92 8.26
C PRO A 326 -17.76 10.34 8.28
N CYS A 327 -18.10 9.66 9.37
CA CYS A 327 -19.43 9.04 9.53
C CYS A 327 -20.57 9.97 9.13
N LEU A 328 -20.59 11.18 9.67
CA LEU A 328 -21.64 12.14 9.33
C LEU A 328 -21.74 12.39 7.83
N LEU A 329 -20.59 12.45 7.16
CA LEU A 329 -20.58 12.68 5.72
C LEU A 329 -21.15 11.45 5.01
N SER A 330 -20.76 10.26 5.45
CA SER A 330 -21.25 9.03 4.83
C SER A 330 -22.76 8.89 4.97
N GLN A 331 -23.30 9.43 6.05
CA GLN A 331 -24.73 9.39 6.31
C GLN A 331 -25.49 10.37 5.40
N HIS A 332 -24.82 11.44 4.97
CA HIS A 332 -25.43 12.43 4.09
C HIS A 332 -25.46 11.98 2.61
N LEU A 333 -24.54 11.09 2.22
CA LEU A 333 -24.50 10.61 0.83
C LEU A 333 -25.57 9.54 0.65
N LYS A 334 -26.83 9.96 0.81
CA LYS A 334 -27.99 9.09 0.72
C LYS A 334 -28.36 8.42 -0.59
N SER A 335 -27.77 8.86 -1.69
CA SER A 335 -28.07 8.26 -3.00
C SER A 335 -26.89 7.48 -3.55
N LEU A 336 -25.73 7.64 -2.93
CA LEU A 336 -24.51 6.98 -3.40
C LEU A 336 -24.71 5.48 -3.60
N GLU A 337 -24.44 5.01 -4.81
CA GLU A 337 -24.58 3.61 -5.16
C GLU A 337 -23.23 2.95 -5.42
N TYR A 338 -22.30 3.74 -5.93
CA TYR A 338 -20.98 3.27 -6.29
C TYR A 338 -19.91 4.13 -5.67
N LEU A 339 -19.04 3.51 -4.89
CA LEU A 339 -17.94 4.20 -4.24
C LEU A 339 -16.62 3.48 -4.45
N ASP A 340 -15.67 4.16 -5.08
CA ASP A 340 -14.35 3.59 -5.32
C ASP A 340 -13.29 4.38 -4.53
N LEU A 341 -12.68 3.74 -3.53
CA LEU A 341 -11.65 4.40 -2.71
C LEU A 341 -10.33 3.64 -2.85
N SER A 342 -10.00 3.29 -4.09
CA SER A 342 -8.79 2.54 -4.37
C SER A 342 -7.48 3.28 -4.16
N GLU A 343 -6.45 2.54 -3.78
CA GLU A 343 -5.12 3.09 -3.62
C GLU A 343 -5.03 4.22 -2.59
N ASN A 344 -5.68 4.02 -1.44
CA ASN A 344 -5.65 5.01 -0.39
C ASN A 344 -5.04 4.46 0.90
N LEU A 345 -5.36 5.09 2.03
CA LEU A 345 -4.82 4.71 3.34
C LEU A 345 -5.84 4.09 4.31
N MET A 346 -6.87 3.41 3.80
CA MET A 346 -7.90 2.86 4.68
C MET A 346 -7.51 1.62 5.48
N VAL A 347 -7.82 1.63 6.76
CA VAL A 347 -7.56 0.50 7.64
C VAL A 347 -8.91 0.19 8.31
N GLU A 348 -9.00 -0.96 8.98
CA GLU A 348 -10.24 -1.38 9.62
C GLU A 348 -10.93 -0.43 10.60
N GLU A 349 -10.20 0.11 11.59
CA GLU A 349 -10.82 1.01 12.56
C GLU A 349 -11.52 2.19 11.93
N TYR A 350 -10.94 2.73 10.87
CA TYR A 350 -11.52 3.91 10.24
C TYR A 350 -12.56 3.59 9.18
N LEU A 351 -12.51 2.37 8.66
CA LEU A 351 -13.50 1.92 7.68
C LEU A 351 -14.78 1.73 8.51
N LYS A 352 -14.60 1.29 9.75
CA LYS A 352 -15.73 1.09 10.65
C LYS A 352 -16.47 2.42 10.85
N ASN A 353 -15.73 3.49 11.10
CA ASN A 353 -16.33 4.80 11.29
C ASN A 353 -16.94 5.34 10.01
N SER A 354 -16.27 5.10 8.88
CA SER A 354 -16.78 5.58 7.60
C SER A 354 -18.09 4.86 7.28
N ALA A 355 -18.14 3.57 7.61
CA ALA A 355 -19.31 2.77 7.36
C ALA A 355 -20.09 2.54 8.64
N CYS A 356 -20.43 3.62 9.33
CA CYS A 356 -21.19 3.57 10.55
C CYS A 356 -22.65 3.29 10.20
N GLU A 357 -23.50 3.09 11.22
CA GLU A 357 -24.92 2.85 11.02
C GLU A 357 -25.51 3.95 10.14
N ASP A 358 -26.24 3.55 9.11
CA ASP A 358 -26.88 4.50 8.21
C ASP A 358 -25.96 5.23 7.24
N ALA A 359 -24.71 4.80 7.15
CA ALA A 359 -23.78 5.43 6.22
C ALA A 359 -24.06 4.85 4.82
N TRP A 360 -23.87 5.66 3.78
CA TRP A 360 -24.09 5.22 2.40
C TRP A 360 -25.24 4.19 2.33
N PRO A 361 -26.43 4.56 2.77
CA PRO A 361 -27.60 3.68 2.77
C PRO A 361 -27.95 2.96 1.46
N SER A 362 -27.70 3.61 0.33
CA SER A 362 -28.01 3.02 -0.97
C SER A 362 -26.84 2.32 -1.66
N LEU A 363 -25.65 2.40 -1.07
CA LEU A 363 -24.46 1.80 -1.67
C LEU A 363 -24.58 0.32 -2.04
N GLN A 364 -24.28 0.00 -3.28
CA GLN A 364 -24.33 -1.37 -3.72
C GLN A 364 -22.94 -1.90 -4.09
N THR A 365 -22.04 -1.00 -4.46
CA THR A 365 -20.68 -1.37 -4.85
C THR A 365 -19.62 -0.55 -4.11
N LEU A 366 -18.72 -1.25 -3.42
CA LEU A 366 -17.63 -0.62 -2.68
C LEU A 366 -16.29 -1.18 -3.14
N ILE A 367 -15.41 -0.30 -3.62
CA ILE A 367 -14.10 -0.71 -4.09
C ILE A 367 -13.01 -0.14 -3.17
N LEU A 368 -12.26 -1.04 -2.54
CA LEU A 368 -11.17 -0.69 -1.62
C LEU A 368 -9.94 -1.46 -2.02
N ARG A 369 -9.72 -1.57 -3.31
CA ARG A 369 -8.60 -2.34 -3.85
C ARG A 369 -7.23 -2.19 -3.17
N GLN A 370 -6.51 -1.14 -3.43
CA GLN A 370 -5.17 -1.06 -2.85
C GLN A 370 -5.12 -0.17 -1.61
N ASN A 371 -5.57 -0.70 -0.49
CA ASN A 371 -5.52 0.06 0.75
C ASN A 371 -4.65 -0.66 1.78
N HIS A 372 -4.99 -0.54 3.05
CA HIS A 372 -4.17 -1.14 4.10
C HIS A 372 -4.95 -2.06 5.02
N LEU A 373 -5.86 -2.85 4.46
CA LEU A 373 -6.68 -3.77 5.25
C LEU A 373 -5.88 -5.04 5.58
N ALA A 374 -6.08 -5.60 6.77
CA ALA A 374 -5.34 -6.80 7.15
C ALA A 374 -6.19 -7.98 7.60
N SER A 375 -7.38 -7.72 8.13
CA SER A 375 -8.27 -8.78 8.61
C SER A 375 -9.56 -8.92 7.80
N LEU A 376 -9.72 -10.08 7.14
CA LEU A 376 -10.91 -10.34 6.34
C LEU A 376 -12.15 -10.32 7.23
N GLU A 377 -12.08 -11.03 8.34
CA GLU A 377 -13.18 -11.11 9.29
C GLU A 377 -13.65 -9.72 9.73
N LYS A 378 -12.73 -8.89 10.17
CA LYS A 378 -13.10 -7.54 10.61
C LYS A 378 -13.56 -6.67 9.45
N THR A 379 -12.96 -6.84 8.28
CA THR A 379 -13.38 -6.06 7.12
C THR A 379 -14.82 -6.42 6.80
N GLY A 380 -15.13 -7.72 6.82
CA GLY A 380 -16.48 -8.17 6.54
C GLY A 380 -17.52 -7.68 7.53
N GLU A 381 -17.20 -7.77 8.81
CA GLU A 381 -18.12 -7.34 9.86
C GLU A 381 -18.40 -5.85 9.80
N THR A 382 -17.40 -5.08 9.40
CA THR A 382 -17.55 -3.65 9.29
C THR A 382 -18.60 -3.25 8.25
N LEU A 383 -18.71 -4.02 7.17
CA LEU A 383 -19.66 -3.69 6.11
C LEU A 383 -21.11 -4.10 6.35
N LEU A 384 -21.37 -4.80 7.45
CA LEU A 384 -22.73 -5.25 7.77
C LEU A 384 -23.75 -4.11 7.88
N THR A 385 -23.28 -2.88 8.04
CA THR A 385 -24.19 -1.74 8.15
C THR A 385 -24.72 -1.30 6.79
N LEU A 386 -24.11 -1.79 5.72
CA LEU A 386 -24.51 -1.41 4.36
C LEU A 386 -25.44 -2.49 3.83
N LYS A 387 -26.68 -2.43 4.27
CA LYS A 387 -27.69 -3.43 3.95
C LYS A 387 -27.89 -3.76 2.47
N ASN A 388 -27.61 -2.84 1.56
CA ASN A 388 -27.81 -3.17 0.15
C ASN A 388 -26.51 -3.39 -0.63
N LEU A 389 -25.42 -3.60 0.10
CA LEU A 389 -24.12 -3.84 -0.52
C LEU A 389 -24.07 -5.23 -1.15
N THR A 390 -23.71 -5.32 -2.42
CA THR A 390 -23.65 -6.61 -3.09
C THR A 390 -22.32 -6.87 -3.82
N ASN A 391 -21.51 -5.83 -3.98
CA ASN A 391 -20.23 -5.94 -4.68
C ASN A 391 -19.07 -5.35 -3.88
N ILE A 392 -18.11 -6.19 -3.51
CA ILE A 392 -16.95 -5.76 -2.76
C ILE A 392 -15.64 -6.16 -3.43
N ASP A 393 -14.79 -5.17 -3.67
CA ASP A 393 -13.48 -5.41 -4.26
C ASP A 393 -12.45 -4.98 -3.22
N ILE A 394 -11.80 -5.97 -2.61
CA ILE A 394 -10.76 -5.69 -1.62
C ILE A 394 -9.48 -6.36 -2.04
N SER A 395 -9.29 -6.48 -3.35
CA SER A 395 -8.09 -7.10 -3.88
C SER A 395 -6.87 -6.23 -3.56
N LYS A 396 -5.68 -6.82 -3.66
CA LYS A 396 -4.43 -6.11 -3.41
C LYS A 396 -4.33 -5.58 -1.98
N ASN A 397 -4.94 -6.30 -1.06
CA ASN A 397 -4.83 -5.94 0.35
C ASN A 397 -4.24 -7.18 0.96
N SER A 398 -3.33 -7.01 1.90
CA SER A 398 -2.68 -8.16 2.51
C SER A 398 -3.40 -8.86 3.63
N PHE A 399 -4.36 -9.70 3.25
CA PHE A 399 -5.06 -10.52 4.23
C PHE A 399 -4.16 -11.74 4.05
N HIS A 400 -3.84 -12.45 5.11
CA HIS A 400 -2.97 -13.59 4.82
C HIS A 400 -3.73 -14.87 4.95
N SER A 401 -4.79 -14.83 5.74
CA SER A 401 -5.62 -16.00 5.97
C SER A 401 -7.03 -15.51 6.26
N MET A 402 -7.91 -16.44 6.62
CA MET A 402 -9.28 -16.14 6.95
C MET A 402 -9.77 -17.21 7.92
N PRO A 403 -10.59 -16.83 8.91
CA PRO A 403 -11.09 -17.81 9.87
C PRO A 403 -12.07 -18.80 9.23
N GLU A 404 -12.56 -19.75 10.02
CA GLU A 404 -13.49 -20.73 9.48
C GLU A 404 -14.84 -20.13 9.11
N THR A 405 -15.28 -19.14 9.88
CA THR A 405 -16.55 -18.48 9.60
C THR A 405 -16.38 -16.95 9.65
N CYS A 406 -17.19 -16.25 8.85
CA CYS A 406 -17.17 -14.79 8.78
C CYS A 406 -18.59 -14.26 8.60
N GLN A 407 -18.77 -12.96 8.82
CA GLN A 407 -20.06 -12.30 8.63
C GLN A 407 -19.90 -11.34 7.46
N TRP A 408 -20.81 -11.41 6.49
CA TRP A 408 -20.78 -10.54 5.32
C TRP A 408 -22.18 -10.00 5.02
N PRO A 409 -22.27 -8.88 4.29
CA PRO A 409 -23.60 -8.34 3.98
C PRO A 409 -24.44 -9.45 3.37
N GLU A 410 -25.71 -9.51 3.75
CA GLU A 410 -26.62 -10.56 3.28
C GLU A 410 -26.62 -10.84 1.78
N LYS A 411 -26.72 -9.78 0.97
CA LYS A 411 -26.81 -9.93 -0.47
C LYS A 411 -25.51 -9.88 -1.29
N MET A 412 -24.43 -10.34 -0.68
CA MET A 412 -23.12 -10.37 -1.33
C MET A 412 -23.19 -11.20 -2.62
N LYS A 413 -22.81 -10.61 -3.74
CA LYS A 413 -22.84 -11.31 -5.02
C LYS A 413 -21.49 -11.38 -5.74
N TYR A 414 -20.64 -10.37 -5.50
CA TYR A 414 -19.32 -10.31 -6.11
C TYR A 414 -18.28 -9.96 -5.05
N LEU A 415 -17.27 -10.81 -4.92
CA LEU A 415 -16.19 -10.60 -3.96
C LEU A 415 -14.84 -10.76 -4.67
N ASN A 416 -14.03 -9.73 -4.64
CA ASN A 416 -12.72 -9.80 -5.28
C ASN A 416 -11.62 -9.89 -4.22
N LEU A 417 -10.98 -11.07 -4.15
CA LEU A 417 -9.92 -11.31 -3.20
C LEU A 417 -8.62 -11.61 -3.95
N SER A 418 -8.49 -11.01 -5.12
CA SER A 418 -7.29 -11.19 -5.94
C SER A 418 -6.08 -10.50 -5.27
N SER A 419 -4.89 -11.05 -5.53
CA SER A 419 -3.63 -10.52 -4.99
C SER A 419 -3.83 -10.17 -3.54
N THR A 420 -4.25 -11.16 -2.79
CA THR A 420 -4.58 -10.99 -1.40
C THR A 420 -3.63 -11.75 -0.48
N ARG A 421 -2.77 -12.57 -1.09
CA ARG A 421 -1.78 -13.37 -0.38
C ARG A 421 -2.35 -14.50 0.48
N ILE A 422 -3.56 -14.96 0.18
CA ILE A 422 -4.16 -16.03 0.96
C ILE A 422 -3.64 -17.41 0.54
N HIS A 423 -3.51 -18.30 1.52
CA HIS A 423 -3.03 -19.64 1.25
C HIS A 423 -4.15 -20.67 1.06
N SER A 424 -5.31 -20.40 1.64
CA SER A 424 -6.44 -21.30 1.48
C SER A 424 -7.74 -20.51 1.55
N VAL A 425 -8.83 -21.16 1.18
CA VAL A 425 -10.15 -20.53 1.20
C VAL A 425 -11.05 -21.35 2.11
N THR A 426 -11.89 -20.69 2.90
CA THR A 426 -12.74 -21.39 3.85
C THR A 426 -14.21 -20.96 3.79
N GLY A 427 -14.98 -21.44 4.75
CA GLY A 427 -16.38 -21.10 4.84
C GLY A 427 -16.58 -19.61 5.02
N CYS A 428 -15.48 -18.89 5.19
CA CYS A 428 -15.56 -17.45 5.38
C CYS A 428 -16.24 -16.84 4.14
N ILE A 429 -15.90 -17.37 2.96
CA ILE A 429 -16.48 -16.91 1.71
C ILE A 429 -18.01 -17.11 1.79
N PRO A 430 -18.79 -16.06 1.52
CA PRO A 430 -20.25 -16.19 1.60
C PRO A 430 -20.92 -17.02 0.49
N LYS A 431 -21.85 -17.87 0.91
CA LYS A 431 -22.60 -18.78 0.03
C LYS A 431 -23.43 -18.13 -1.08
N THR A 432 -23.87 -16.90 -0.86
CA THR A 432 -24.69 -16.19 -1.83
C THR A 432 -23.90 -15.68 -3.03
N LEU A 433 -22.58 -15.88 -3.01
CA LEU A 433 -21.71 -15.41 -4.08
C LEU A 433 -22.06 -15.88 -5.50
N GLU A 434 -21.96 -14.96 -6.45
CA GLU A 434 -22.24 -15.21 -7.85
C GLU A 434 -20.92 -15.13 -8.66
N ILE A 435 -20.03 -14.23 -8.23
CA ILE A 435 -18.73 -14.04 -8.87
C ILE A 435 -17.65 -13.97 -7.80
N LEU A 436 -16.63 -14.81 -7.91
CA LEU A 436 -15.55 -14.82 -6.95
C LEU A 436 -14.21 -14.76 -7.69
N ASP A 437 -13.31 -13.91 -7.22
CA ASP A 437 -11.99 -13.82 -7.82
C ASP A 437 -10.95 -14.03 -6.74
N VAL A 438 -10.22 -15.12 -6.83
CA VAL A 438 -9.17 -15.40 -5.86
C VAL A 438 -7.86 -15.67 -6.61
N SER A 439 -7.71 -14.99 -7.75
CA SER A 439 -6.51 -15.09 -8.58
C SER A 439 -5.31 -14.48 -7.87
N ASN A 440 -4.11 -14.84 -8.33
CA ASN A 440 -2.88 -14.28 -7.78
C ASN A 440 -2.64 -14.50 -6.30
N ASN A 441 -2.87 -15.73 -5.83
CA ASN A 441 -2.67 -16.06 -4.43
C ASN A 441 -1.83 -17.33 -4.31
N ASN A 442 -1.82 -17.93 -3.13
CA ASN A 442 -1.06 -19.15 -2.88
C ASN A 442 -1.96 -20.35 -2.64
N LEU A 443 -3.10 -20.39 -3.32
CA LEU A 443 -4.04 -21.48 -3.12
C LEU A 443 -3.56 -22.82 -3.68
N ASN A 444 -3.69 -23.85 -2.86
CA ASN A 444 -3.28 -25.20 -3.24
C ASN A 444 -4.50 -26.01 -3.69
N LEU A 445 -5.63 -25.78 -3.01
CA LEU A 445 -6.88 -26.46 -3.31
C LEU A 445 -8.05 -25.49 -3.24
N PHE A 446 -9.20 -25.95 -3.72
CA PHE A 446 -10.42 -25.15 -3.68
C PHE A 446 -11.62 -26.08 -3.57
N SER A 447 -12.24 -26.10 -2.40
CA SER A 447 -13.39 -26.95 -2.18
C SER A 447 -14.44 -26.17 -1.38
N LEU A 448 -15.13 -25.27 -2.07
CA LEU A 448 -16.14 -24.44 -1.43
C LEU A 448 -17.54 -24.70 -1.98
N ASN A 449 -18.51 -24.81 -1.08
CA ASN A 449 -19.89 -25.03 -1.48
C ASN A 449 -20.51 -23.68 -1.83
N LEU A 450 -20.48 -23.33 -3.10
CA LEU A 450 -21.05 -22.07 -3.58
C LEU A 450 -22.08 -22.43 -4.64
N PRO A 451 -23.28 -22.83 -4.18
CA PRO A 451 -24.42 -23.24 -5.01
C PRO A 451 -24.86 -22.34 -6.15
N GLN A 452 -24.64 -21.03 -6.04
CA GLN A 452 -25.06 -20.17 -7.15
C GLN A 452 -23.94 -19.38 -7.81
N LEU A 453 -22.71 -19.88 -7.67
CA LEU A 453 -21.56 -19.23 -8.26
C LEU A 453 -21.59 -19.41 -9.78
N LYS A 454 -21.55 -18.31 -10.50
CA LYS A 454 -21.55 -18.34 -11.96
C LYS A 454 -20.14 -18.14 -12.52
N GLU A 455 -19.26 -17.51 -11.74
CA GLU A 455 -17.89 -17.26 -12.20
C GLU A 455 -16.82 -17.43 -11.14
N LEU A 456 -15.82 -18.25 -11.45
CA LEU A 456 -14.71 -18.50 -10.55
C LEU A 456 -13.39 -18.20 -11.24
N TYR A 457 -12.66 -17.22 -10.70
CA TYR A 457 -11.35 -16.85 -11.24
C TYR A 457 -10.33 -17.26 -10.20
N ILE A 458 -9.49 -18.23 -10.57
CA ILE A 458 -8.50 -18.73 -9.63
C ILE A 458 -7.18 -19.02 -10.34
N SER A 459 -6.88 -18.21 -11.36
CA SER A 459 -5.64 -18.36 -12.11
C SER A 459 -4.48 -17.84 -11.27
N ARG A 460 -3.26 -18.13 -11.72
CA ARG A 460 -2.06 -17.71 -10.99
C ARG A 460 -2.03 -18.15 -9.53
N ASN A 461 -2.32 -19.42 -9.31
CA ASN A 461 -2.26 -20.00 -7.97
C ASN A 461 -1.43 -21.26 -8.12
N LYS A 462 -1.45 -22.12 -7.10
CA LYS A 462 -0.68 -23.35 -7.13
C LYS A 462 -1.57 -24.57 -6.94
N LEU A 463 -2.68 -24.61 -7.69
CA LEU A 463 -3.64 -25.70 -7.60
C LEU A 463 -3.21 -26.99 -8.28
N MET A 464 -3.01 -28.04 -7.48
CA MET A 464 -2.64 -29.34 -8.03
C MET A 464 -3.90 -29.96 -8.60
N THR A 465 -4.96 -29.97 -7.79
CA THR A 465 -6.23 -30.54 -8.21
C THR A 465 -7.21 -29.48 -8.66
N LEU A 466 -8.12 -29.88 -9.54
CA LEU A 466 -9.14 -29.00 -10.08
C LEU A 466 -10.12 -28.62 -8.96
N PRO A 467 -10.73 -27.43 -9.04
CA PRO A 467 -11.67 -27.04 -7.98
C PRO A 467 -12.93 -27.91 -8.00
N ASP A 468 -13.35 -28.35 -6.81
CA ASP A 468 -14.52 -29.22 -6.64
C ASP A 468 -15.72 -28.77 -7.46
N ALA A 469 -15.94 -29.44 -8.60
CA ALA A 469 -17.04 -29.10 -9.49
C ALA A 469 -18.42 -29.50 -8.98
N SER A 470 -18.48 -30.51 -8.11
CA SER A 470 -19.76 -30.97 -7.58
C SER A 470 -20.38 -29.96 -6.62
N LEU A 471 -19.62 -28.93 -6.28
CA LEU A 471 -20.12 -27.90 -5.37
C LEU A 471 -20.39 -26.61 -6.14
N LEU A 472 -20.13 -26.63 -7.45
CA LEU A 472 -20.33 -25.45 -8.29
C LEU A 472 -21.24 -25.74 -9.47
N PRO A 473 -22.42 -26.33 -9.20
CA PRO A 473 -23.38 -26.67 -10.26
C PRO A 473 -23.66 -25.58 -11.31
N MET A 474 -23.91 -24.35 -10.87
CA MET A 474 -24.23 -23.26 -11.79
C MET A 474 -23.03 -22.58 -12.44
N LEU A 475 -21.85 -23.16 -12.28
CA LEU A 475 -20.63 -22.56 -12.83
C LEU A 475 -20.66 -22.33 -14.34
N LEU A 476 -20.59 -21.06 -14.75
CA LEU A 476 -20.59 -20.68 -16.16
C LEU A 476 -19.19 -20.37 -16.67
N VAL A 477 -18.41 -19.67 -15.85
CA VAL A 477 -17.05 -19.29 -16.20
C VAL A 477 -16.08 -19.88 -15.19
N LEU A 478 -14.94 -20.35 -15.66
CA LEU A 478 -13.94 -20.95 -14.80
C LEU A 478 -12.56 -20.72 -15.37
N LYS A 479 -11.82 -19.79 -14.76
CA LYS A 479 -10.46 -19.47 -15.18
C LYS A 479 -9.52 -20.18 -14.23
N ILE A 480 -8.91 -21.26 -14.72
CA ILE A 480 -8.02 -22.06 -13.91
C ILE A 480 -6.62 -22.18 -14.52
N SER A 481 -6.31 -21.28 -15.46
CA SER A 481 -5.01 -21.26 -16.12
C SER A 481 -3.87 -20.90 -15.15
N ARG A 482 -2.64 -21.22 -15.53
CA ARG A 482 -1.45 -20.96 -14.72
C ARG A 482 -1.63 -21.51 -13.31
N ASN A 483 -1.76 -22.82 -13.18
CA ASN A 483 -1.99 -23.41 -11.86
C ASN A 483 -1.28 -24.69 -11.44
N GLN A 484 -0.35 -25.21 -12.23
CA GLN A 484 0.33 -26.43 -11.85
C GLN A 484 -0.62 -27.63 -11.78
N LEU A 485 -1.55 -27.71 -12.72
CA LEU A 485 -2.51 -28.81 -12.79
C LEU A 485 -1.98 -29.85 -13.77
N LYS A 486 -1.79 -31.08 -13.30
CA LYS A 486 -1.30 -32.15 -14.16
C LYS A 486 -2.39 -33.06 -14.71
N SER A 487 -3.17 -33.69 -13.84
CA SER A 487 -4.25 -34.58 -14.27
C SER A 487 -5.61 -33.94 -14.02
N VAL A 488 -6.66 -34.75 -14.05
CA VAL A 488 -8.02 -34.27 -13.83
C VAL A 488 -8.97 -35.47 -13.82
N PRO A 489 -9.93 -35.49 -12.88
CA PRO A 489 -10.88 -36.60 -12.82
C PRO A 489 -11.61 -36.82 -14.14
N ASP A 490 -12.04 -38.07 -14.37
CA ASP A 490 -12.77 -38.41 -15.58
C ASP A 490 -14.25 -38.08 -15.44
N GLY A 491 -14.79 -37.36 -16.42
CA GLY A 491 -16.19 -36.99 -16.39
C GLY A 491 -16.48 -35.83 -15.46
N ILE A 492 -15.44 -35.22 -14.92
CA ILE A 492 -15.57 -34.11 -13.99
C ILE A 492 -16.31 -32.91 -14.61
N PHE A 493 -16.14 -32.73 -15.92
CA PHE A 493 -16.79 -31.62 -16.62
C PHE A 493 -18.23 -31.90 -16.96
N ASP A 494 -18.74 -33.05 -16.52
CA ASP A 494 -20.13 -33.42 -16.78
C ASP A 494 -20.97 -32.80 -15.67
N ARG A 495 -20.28 -32.35 -14.62
CA ARG A 495 -20.93 -31.71 -13.50
C ARG A 495 -21.37 -30.32 -13.93
N LEU A 496 -20.44 -29.55 -14.51
CA LEU A 496 -20.76 -28.21 -14.97
C LEU A 496 -21.61 -28.27 -16.23
N THR A 497 -22.92 -28.33 -16.05
CA THR A 497 -23.86 -28.42 -17.16
C THR A 497 -24.08 -27.13 -17.94
N SER A 498 -23.62 -26.01 -17.41
CA SER A 498 -23.82 -24.74 -18.10
C SER A 498 -22.53 -24.00 -18.43
N LEU A 499 -21.40 -24.67 -18.23
CA LEU A 499 -20.09 -24.08 -18.51
C LEU A 499 -20.06 -23.42 -19.89
N GLN A 500 -19.51 -22.22 -19.96
CA GLN A 500 -19.43 -21.47 -21.22
C GLN A 500 -18.00 -21.12 -21.61
N LYS A 501 -17.18 -20.75 -20.62
CA LYS A 501 -15.79 -20.40 -20.87
C LYS A 501 -14.91 -21.10 -19.84
N ILE A 502 -13.70 -21.44 -20.24
CA ILE A 502 -12.76 -22.09 -19.34
C ILE A 502 -11.32 -21.85 -19.77
N TRP A 503 -10.45 -21.57 -18.81
CA TRP A 503 -9.03 -21.33 -19.07
C TRP A 503 -8.27 -22.50 -18.48
N LEU A 504 -7.41 -23.12 -19.29
CA LEU A 504 -6.66 -24.27 -18.81
C LEU A 504 -5.19 -24.15 -19.17
N HIS A 505 -4.87 -23.17 -20.00
CA HIS A 505 -3.49 -22.99 -20.43
C HIS A 505 -2.49 -22.72 -19.31
N THR A 506 -1.24 -23.09 -19.57
CA THR A 506 -0.14 -22.92 -18.65
C THR A 506 -0.20 -23.83 -17.43
N ASN A 507 -0.51 -25.10 -17.69
CA ASN A 507 -0.57 -26.14 -16.68
C ASN A 507 0.18 -27.37 -17.19
N PRO A 508 0.92 -28.06 -16.31
CA PRO A 508 1.69 -29.25 -16.70
C PRO A 508 0.80 -30.46 -16.95
N TRP A 509 0.01 -30.42 -18.02
CA TRP A 509 -0.88 -31.53 -18.33
C TRP A 509 -0.13 -32.78 -18.77
N ASP A 510 -0.10 -33.79 -17.90
CA ASP A 510 0.56 -35.06 -18.23
C ASP A 510 -0.28 -35.77 -19.28
N CYS A 511 0.16 -35.71 -20.54
CA CYS A 511 -0.57 -36.33 -21.64
C CYS A 511 -0.30 -37.82 -21.88
N SER A 512 -0.07 -38.58 -20.83
CA SER A 512 0.17 -40.01 -20.99
C SER A 512 -1.20 -40.58 -21.39
N CYS A 513 -1.21 -41.61 -22.24
CA CYS A 513 -2.48 -42.19 -22.68
C CYS A 513 -3.39 -42.77 -21.60
N PRO A 514 -2.81 -43.47 -20.62
CA PRO A 514 -3.69 -44.03 -19.58
C PRO A 514 -4.12 -42.98 -18.55
N ARG A 515 -4.52 -41.80 -19.03
CA ARG A 515 -4.95 -40.71 -18.15
C ARG A 515 -5.74 -39.59 -18.84
N ILE A 516 -5.12 -38.93 -19.83
CA ILE A 516 -5.76 -37.83 -20.53
C ILE A 516 -6.84 -38.16 -21.55
N ASP A 517 -7.27 -39.41 -21.61
CA ASP A 517 -8.29 -39.76 -22.60
C ASP A 517 -9.54 -38.90 -22.46
N TYR A 518 -9.94 -38.60 -21.22
CA TYR A 518 -11.13 -37.79 -20.99
C TYR A 518 -10.92 -36.32 -21.37
N LEU A 519 -9.99 -35.68 -20.67
CA LEU A 519 -9.70 -34.27 -20.92
C LEU A 519 -9.39 -33.99 -22.38
N SER A 520 -8.43 -34.73 -22.95
CA SER A 520 -8.02 -34.56 -24.34
C SER A 520 -9.18 -34.70 -25.31
N ARG A 521 -10.23 -35.39 -24.88
CA ARG A 521 -11.40 -35.62 -25.71
C ARG A 521 -12.48 -34.58 -25.46
N TRP A 522 -12.53 -34.08 -24.23
CA TRP A 522 -13.52 -33.07 -23.84
C TRP A 522 -13.27 -31.77 -24.59
N LEU A 523 -12.00 -31.42 -24.75
CA LEU A 523 -11.62 -30.19 -25.44
C LEU A 523 -11.90 -30.20 -26.93
N ASN A 524 -12.44 -31.31 -27.43
CA ASN A 524 -12.76 -31.42 -28.86
C ASN A 524 -13.99 -30.61 -29.24
N LYS A 525 -15.16 -31.20 -29.04
CA LYS A 525 -16.42 -30.52 -29.35
C LYS A 525 -16.50 -29.22 -28.55
N ASN A 526 -15.93 -29.25 -27.35
CA ASN A 526 -15.91 -28.08 -26.48
C ASN A 526 -14.70 -27.24 -26.86
N SER A 527 -14.77 -26.66 -28.06
CA SER A 527 -13.69 -25.83 -28.59
C SER A 527 -13.97 -24.36 -28.32
N GLN A 528 -15.21 -23.95 -28.53
CA GLN A 528 -15.60 -22.57 -28.30
C GLN A 528 -15.47 -22.24 -26.83
N LYS A 529 -15.62 -23.25 -25.98
CA LYS A 529 -15.54 -23.07 -24.55
C LYS A 529 -14.12 -22.83 -24.06
N GLU A 530 -13.15 -23.55 -24.63
CA GLU A 530 -11.76 -23.38 -24.21
C GLU A 530 -11.19 -22.01 -24.56
N GLN A 531 -10.47 -21.44 -23.61
CA GLN A 531 -9.83 -20.14 -23.80
C GLN A 531 -8.34 -20.41 -23.88
N GLY A 532 -7.70 -19.92 -24.94
CA GLY A 532 -6.28 -20.18 -25.12
C GLY A 532 -6.19 -21.66 -25.46
N SER A 533 -5.07 -22.30 -25.15
CA SER A 533 -4.93 -23.71 -25.44
C SER A 533 -3.96 -24.42 -24.52
N ALA A 534 -4.47 -25.39 -23.77
CA ALA A 534 -3.65 -26.16 -22.85
C ALA A 534 -2.62 -26.97 -23.63
N LYS A 535 -1.45 -27.19 -23.02
CA LYS A 535 -0.39 -27.94 -23.66
C LYS A 535 0.09 -29.10 -22.79
N CYS A 536 0.90 -29.98 -23.37
CA CYS A 536 1.43 -31.12 -22.65
C CYS A 536 2.78 -30.76 -22.03
N SER A 537 3.00 -31.22 -20.80
CA SER A 537 4.25 -30.93 -20.11
C SER A 537 5.48 -31.43 -20.85
N GLY A 538 5.31 -32.48 -21.65
CA GLY A 538 6.44 -33.02 -22.41
C GLY A 538 6.41 -32.73 -23.89
N SER A 539 5.60 -31.75 -24.30
CA SER A 539 5.50 -31.39 -25.71
C SER A 539 4.54 -30.20 -25.88
N GLY A 540 4.98 -29.19 -26.62
CA GLY A 540 4.16 -28.02 -26.85
C GLY A 540 2.90 -28.32 -27.62
N LYS A 541 2.68 -29.61 -27.92
CA LYS A 541 1.50 -30.05 -28.66
C LYS A 541 0.26 -29.88 -27.79
N PRO A 542 -0.75 -29.16 -28.29
CA PRO A 542 -1.98 -28.94 -27.52
C PRO A 542 -2.71 -30.22 -27.14
N VAL A 543 -3.29 -30.22 -25.94
CA VAL A 543 -4.02 -31.37 -25.42
C VAL A 543 -5.37 -31.55 -26.10
N ARG A 544 -5.94 -30.45 -26.57
CA ARG A 544 -7.25 -30.50 -27.22
C ARG A 544 -7.27 -31.44 -28.41
N SER A 545 -6.13 -31.58 -29.08
CA SER A 545 -6.03 -32.45 -30.24
C SER A 545 -5.02 -33.58 -30.10
N ILE A 546 -5.46 -34.66 -29.45
CA ILE A 546 -4.67 -35.87 -29.23
C ILE A 546 -5.57 -36.94 -28.59
N ILE A 547 -5.87 -37.99 -29.34
CA ILE A 547 -6.71 -39.08 -28.83
C ILE A 547 -5.84 -40.29 -28.54
N CYS A 548 -6.31 -41.16 -27.65
CA CYS A 548 -5.54 -42.35 -27.29
C CYS A 548 -6.13 -43.67 -27.79
N PRO A 549 -5.25 -44.64 -28.12
CA PRO A 549 -5.65 -45.96 -28.61
C PRO A 549 -6.44 -46.76 -27.58
N SER B 1 24.55 -34.12 28.61
CA SER B 1 23.50 -35.13 28.30
C SER B 1 22.10 -34.58 28.62
N GLU B 2 21.68 -33.60 27.82
CA GLU B 2 20.38 -32.96 27.99
C GLU B 2 19.25 -33.80 27.39
N PHE B 3 18.37 -34.32 28.23
CA PHE B 3 17.24 -35.12 27.75
C PHE B 3 15.97 -34.30 27.97
N LEU B 4 15.16 -34.17 26.91
CA LEU B 4 13.94 -33.39 26.99
C LEU B 4 12.69 -34.19 26.69
N VAL B 5 11.64 -33.95 27.47
CA VAL B 5 10.36 -34.61 27.30
C VAL B 5 9.30 -33.52 27.24
N ASP B 6 8.71 -33.32 26.06
CA ASP B 6 7.69 -32.32 25.90
C ASP B 6 6.33 -32.96 25.64
N ARG B 7 5.46 -32.85 26.62
CA ARG B 7 4.12 -33.40 26.53
C ARG B 7 3.12 -32.25 26.70
N SER B 8 3.52 -31.07 26.24
CA SER B 8 2.67 -29.90 26.34
C SER B 8 1.51 -30.00 25.34
N LYS B 9 0.39 -29.37 25.67
CA LYS B 9 -0.79 -29.38 24.80
C LYS B 9 -1.26 -30.78 24.43
N ASN B 10 -1.08 -31.73 25.34
CA ASN B 10 -1.48 -33.11 25.11
C ASN B 10 -2.81 -33.43 25.76
N GLY B 11 -3.40 -32.45 26.45
CA GLY B 11 -4.68 -32.68 27.10
C GLY B 11 -4.55 -33.64 28.28
N LEU B 12 -3.35 -33.72 28.84
CA LEU B 12 -3.08 -34.61 29.98
C LEU B 12 -3.85 -34.19 31.24
N ILE B 13 -4.39 -35.17 31.96
CA ILE B 13 -5.09 -34.85 33.20
C ILE B 13 -4.24 -35.22 34.41
N HIS B 14 -3.17 -35.98 34.17
CA HIS B 14 -2.26 -36.40 35.23
C HIS B 14 -0.83 -36.26 34.72
N VAL B 15 0.12 -36.08 35.64
CA VAL B 15 1.51 -35.98 35.25
C VAL B 15 1.86 -37.28 34.53
N PRO B 16 2.31 -37.21 33.27
CA PRO B 16 2.65 -38.45 32.57
C PRO B 16 3.67 -39.29 33.33
N LYS B 17 3.34 -40.57 33.53
CA LYS B 17 4.23 -41.46 34.27
C LYS B 17 5.10 -42.25 33.30
N ASP B 18 6.02 -43.01 33.85
CA ASP B 18 6.92 -43.84 33.04
C ASP B 18 7.66 -43.01 32.00
N LEU B 19 8.48 -42.09 32.48
CA LEU B 19 9.29 -41.25 31.60
C LEU B 19 10.72 -41.67 31.85
N SER B 20 11.59 -41.43 30.88
CA SER B 20 13.00 -41.79 31.02
C SER B 20 13.63 -41.15 32.26
N GLN B 21 14.44 -41.94 32.96
CA GLN B 21 15.12 -41.43 34.14
C GLN B 21 16.28 -40.52 33.72
N LYS B 22 16.40 -40.31 32.41
CA LYS B 22 17.44 -39.44 31.88
C LYS B 22 16.91 -38.01 31.86
N THR B 23 15.59 -37.88 31.81
CA THR B 23 14.92 -36.58 31.75
C THR B 23 15.53 -35.48 32.62
N THR B 24 15.90 -34.39 31.95
CA THR B 24 16.50 -33.24 32.62
C THR B 24 15.57 -32.03 32.50
N ILE B 25 14.70 -32.09 31.49
CA ILE B 25 13.74 -31.03 31.23
C ILE B 25 12.40 -31.65 30.88
N LEU B 26 11.39 -31.37 31.69
CA LEU B 26 10.05 -31.89 31.47
C LEU B 26 9.13 -30.69 31.26
N ASN B 27 8.42 -30.68 30.13
CA ASN B 27 7.52 -29.59 29.79
C ASN B 27 6.13 -30.17 29.59
N ILE B 28 5.28 -30.00 30.60
CA ILE B 28 3.91 -30.49 30.53
C ILE B 28 2.95 -29.31 30.64
N SER B 29 3.39 -28.21 30.04
CA SER B 29 2.63 -26.96 30.02
C SER B 29 1.36 -27.13 29.20
N GLN B 30 0.38 -26.26 29.45
CA GLN B 30 -0.89 -26.27 28.72
C GLN B 30 -1.62 -27.62 28.70
N ASN B 31 -1.97 -28.11 29.88
CA ASN B 31 -2.70 -29.36 29.98
C ASN B 31 -3.82 -29.19 30.99
N TYR B 32 -4.30 -30.29 31.56
CA TYR B 32 -5.38 -30.21 32.54
C TYR B 32 -4.95 -30.87 33.84
N ILE B 33 -3.67 -30.78 34.17
CA ILE B 33 -3.18 -31.39 35.40
C ILE B 33 -3.66 -30.55 36.60
N SER B 34 -4.10 -31.23 37.66
CA SER B 34 -4.57 -30.54 38.85
C SER B 34 -3.79 -30.83 40.13
N GLU B 35 -2.91 -31.82 40.09
CA GLU B 35 -2.10 -32.17 41.26
C GLU B 35 -0.73 -32.66 40.84
N LEU B 36 0.24 -32.48 41.73
CA LEU B 36 1.61 -32.91 41.50
C LEU B 36 2.01 -33.76 42.69
N TRP B 37 2.14 -35.06 42.47
CA TRP B 37 2.52 -35.99 43.55
C TRP B 37 4.02 -36.28 43.54
N THR B 38 4.56 -36.56 44.72
CA THR B 38 5.98 -36.89 44.82
C THR B 38 6.27 -38.08 43.93
N SER B 39 5.34 -39.03 43.88
CA SER B 39 5.50 -40.23 43.07
C SER B 39 5.49 -39.95 41.57
N ASP B 40 5.07 -38.75 41.18
CA ASP B 40 5.04 -38.40 39.76
C ASP B 40 6.45 -38.11 39.26
N ILE B 41 7.30 -37.61 40.14
CA ILE B 41 8.64 -37.22 39.72
C ILE B 41 9.82 -37.74 40.50
N LEU B 42 9.61 -38.50 41.58
CA LEU B 42 10.75 -38.98 42.36
C LEU B 42 11.82 -39.78 41.60
N SER B 43 11.45 -40.41 40.48
CA SER B 43 12.45 -41.19 39.73
C SER B 43 13.32 -40.31 38.83
N LEU B 44 12.82 -39.13 38.47
CA LEU B 44 13.55 -38.20 37.60
C LEU B 44 14.69 -37.49 38.33
N SER B 45 15.61 -38.27 38.88
CA SER B 45 16.76 -37.75 39.63
C SER B 45 17.57 -36.67 38.92
N LYS B 46 17.50 -36.62 37.60
CA LYS B 46 18.26 -35.62 36.85
C LYS B 46 17.44 -34.40 36.41
N LEU B 47 16.19 -34.34 36.85
CA LEU B 47 15.32 -33.21 36.50
C LEU B 47 15.91 -31.89 36.93
N ARG B 48 16.13 -30.99 35.98
CA ARG B 48 16.69 -29.68 36.29
C ARG B 48 15.66 -28.61 35.99
N ILE B 49 14.83 -28.86 35.00
CA ILE B 49 13.80 -27.90 34.61
C ILE B 49 12.44 -28.55 34.48
N LEU B 50 11.47 -28.01 35.22
CA LEU B 50 10.10 -28.50 35.21
C LEU B 50 9.12 -27.37 34.85
N ILE B 51 8.37 -27.56 33.78
CA ILE B 51 7.42 -26.54 33.35
C ILE B 51 6.00 -27.10 33.41
N ILE B 52 5.21 -26.61 34.37
CA ILE B 52 3.85 -27.07 34.51
C ILE B 52 2.91 -25.88 34.51
N SER B 53 3.26 -24.87 33.71
CA SER B 53 2.45 -23.67 33.60
C SER B 53 1.18 -23.96 32.80
N HIS B 54 0.20 -23.07 32.89
CA HIS B 54 -1.05 -23.25 32.16
C HIS B 54 -1.70 -24.61 32.43
N ASN B 55 -1.96 -24.89 33.70
CA ASN B 55 -2.61 -26.12 34.11
C ASN B 55 -3.63 -25.68 35.17
N ARG B 56 -4.24 -26.63 35.88
CA ARG B 56 -5.22 -26.26 36.88
C ARG B 56 -4.95 -26.74 38.30
N ILE B 57 -3.70 -26.61 38.72
CA ILE B 57 -3.32 -27.04 40.08
C ILE B 57 -3.77 -25.99 41.09
N GLN B 58 -4.47 -26.42 42.12
CA GLN B 58 -4.98 -25.52 43.16
C GLN B 58 -4.12 -25.47 44.42
N TYR B 59 -3.48 -26.59 44.73
CA TYR B 59 -2.63 -26.66 45.92
C TYR B 59 -1.34 -27.37 45.55
N LEU B 60 -0.25 -26.96 46.18
CA LEU B 60 1.02 -27.57 45.86
C LEU B 60 1.86 -27.74 47.12
N ASP B 61 2.27 -28.97 47.35
CA ASP B 61 3.09 -29.31 48.50
C ASP B 61 4.53 -29.27 47.98
N ILE B 62 5.30 -28.29 48.44
CA ILE B 62 6.66 -28.15 47.97
C ILE B 62 7.60 -29.30 48.37
N SER B 63 7.20 -30.15 49.31
CA SER B 63 8.06 -31.26 49.72
C SER B 63 8.02 -32.36 48.66
N VAL B 64 7.14 -32.19 47.69
CA VAL B 64 7.03 -33.14 46.60
C VAL B 64 8.29 -33.20 45.73
N PHE B 65 9.13 -32.16 45.79
CA PHE B 65 10.36 -32.12 44.99
C PHE B 65 11.61 -32.57 45.76
N LYS B 66 11.45 -33.03 47.00
CA LYS B 66 12.61 -33.42 47.80
C LYS B 66 13.56 -34.44 47.18
N PHE B 67 13.09 -35.20 46.20
CA PHE B 67 13.94 -36.19 45.56
C PHE B 67 14.53 -35.67 44.26
N ASN B 68 14.21 -34.43 43.91
CA ASN B 68 14.73 -33.85 42.69
C ASN B 68 15.78 -32.81 43.01
N GLN B 69 16.88 -33.29 43.60
CA GLN B 69 17.99 -32.44 44.02
C GLN B 69 18.71 -31.67 42.91
N GLU B 70 18.36 -31.91 41.65
CA GLU B 70 18.98 -31.20 40.55
C GLU B 70 18.10 -30.04 40.07
N LEU B 71 16.87 -30.01 40.56
CA LEU B 71 15.90 -28.98 40.18
C LEU B 71 16.37 -27.56 40.45
N GLU B 72 16.36 -26.73 39.42
CA GLU B 72 16.79 -25.34 39.59
C GLU B 72 15.82 -24.36 38.93
N TYR B 73 14.91 -24.89 38.13
CA TYR B 73 13.94 -24.09 37.41
C TYR B 73 12.54 -24.72 37.55
N LEU B 74 11.63 -23.98 38.17
CA LEU B 74 10.26 -24.45 38.36
C LEU B 74 9.26 -23.38 37.92
N ASP B 75 8.42 -23.71 36.94
CA ASP B 75 7.42 -22.76 36.46
C ASP B 75 6.00 -23.29 36.65
N LEU B 76 5.31 -22.74 37.63
CA LEU B 76 3.93 -23.12 37.94
C LEU B 76 2.99 -21.96 37.64
N SER B 77 3.45 -21.00 36.84
CA SER B 77 2.64 -19.83 36.50
C SER B 77 1.35 -20.25 35.80
N HIS B 78 0.35 -19.38 35.85
CA HIS B 78 -0.92 -19.66 35.19
C HIS B 78 -1.60 -20.96 35.62
N ASN B 79 -1.73 -21.16 36.93
CA ASN B 79 -2.46 -22.30 37.43
C ASN B 79 -3.59 -21.72 38.28
N LYS B 80 -4.02 -22.43 39.32
CA LYS B 80 -5.09 -21.94 40.19
C LYS B 80 -4.66 -22.05 41.65
N LEU B 81 -3.36 -21.92 41.87
CA LEU B 81 -2.79 -22.03 43.20
C LEU B 81 -3.32 -21.02 44.20
N VAL B 82 -3.86 -21.52 45.31
CA VAL B 82 -4.38 -20.67 46.36
C VAL B 82 -3.57 -20.94 47.62
N LYS B 83 -2.79 -22.02 47.62
CA LYS B 83 -2.02 -22.35 48.80
C LYS B 83 -0.79 -23.19 48.48
N ILE B 84 0.30 -22.89 49.18
CA ILE B 84 1.55 -23.59 49.00
C ILE B 84 2.06 -24.04 50.38
N SER B 85 2.33 -25.33 50.54
CA SER B 85 2.85 -25.81 51.81
C SER B 85 4.36 -25.66 51.78
N CYS B 86 4.89 -24.95 52.77
CA CYS B 86 6.33 -24.71 52.86
C CYS B 86 7.16 -25.82 53.47
N HIS B 87 8.27 -26.13 52.81
CA HIS B 87 9.20 -27.16 53.26
C HIS B 87 10.51 -26.84 52.56
N PRO B 88 11.65 -27.22 53.17
CA PRO B 88 12.93 -26.93 52.51
C PRO B 88 12.98 -27.53 51.11
N THR B 89 13.29 -26.70 50.12
CA THR B 89 13.36 -27.17 48.74
C THR B 89 14.80 -27.13 48.24
N VAL B 90 14.98 -27.36 46.94
CA VAL B 90 16.30 -27.33 46.36
C VAL B 90 16.66 -25.85 46.22
N ASN B 91 17.89 -25.56 45.81
CA ASN B 91 18.28 -24.18 45.63
C ASN B 91 17.88 -23.75 44.21
N LEU B 92 16.62 -23.34 44.06
CA LEU B 92 16.11 -22.91 42.76
C LEU B 92 16.78 -21.63 42.29
N LYS B 93 16.85 -21.45 40.98
CA LYS B 93 17.42 -20.24 40.39
C LYS B 93 16.24 -19.48 39.80
N HIS B 94 15.19 -20.23 39.46
CA HIS B 94 13.99 -19.68 38.86
C HIS B 94 12.71 -20.33 39.42
N LEU B 95 11.89 -19.52 40.11
CA LEU B 95 10.64 -19.96 40.70
C LEU B 95 9.52 -19.04 40.22
N ASP B 96 8.61 -19.57 39.41
CA ASP B 96 7.52 -18.74 38.88
C ASP B 96 6.16 -19.15 39.43
N LEU B 97 5.63 -18.33 40.33
CA LEU B 97 4.33 -18.56 40.94
C LEU B 97 3.34 -17.48 40.48
N SER B 98 3.68 -16.77 39.41
CA SER B 98 2.82 -15.70 38.90
C SER B 98 1.54 -16.21 38.25
N PHE B 99 0.58 -15.30 38.12
CA PHE B 99 -0.72 -15.59 37.53
C PHE B 99 -1.42 -16.76 38.20
N ASN B 100 -1.56 -16.68 39.51
CA ASN B 100 -2.25 -17.71 40.27
C ASN B 100 -3.30 -17.02 41.14
N ALA B 101 -3.95 -17.79 42.02
CA ALA B 101 -4.99 -17.21 42.85
C ALA B 101 -4.65 -16.91 44.31
N PHE B 102 -3.38 -16.78 44.63
CA PHE B 102 -2.99 -16.51 46.02
C PHE B 102 -3.58 -15.20 46.57
N ASP B 103 -4.02 -15.24 47.83
CA ASP B 103 -4.58 -14.08 48.51
C ASP B 103 -3.45 -13.29 49.13
N ALA B 104 -2.53 -14.00 49.76
CA ALA B 104 -1.37 -13.38 50.39
C ALA B 104 -0.16 -13.71 49.52
N LEU B 105 0.91 -12.95 49.69
CA LEU B 105 2.13 -13.16 48.91
C LEU B 105 2.63 -14.56 49.27
N PRO B 106 2.83 -15.44 48.25
CA PRO B 106 3.31 -16.80 48.50
C PRO B 106 4.80 -16.90 48.79
N ILE B 107 5.26 -16.25 49.84
CA ILE B 107 6.67 -16.31 50.17
C ILE B 107 6.91 -17.14 51.42
N CYS B 108 7.60 -18.27 51.23
CA CYS B 108 7.94 -19.17 52.33
C CYS B 108 9.20 -18.66 53.01
N LYS B 109 9.29 -18.81 54.33
CA LYS B 109 10.48 -18.37 55.03
C LYS B 109 11.68 -19.16 54.48
N GLU B 110 11.41 -20.35 53.94
CA GLU B 110 12.46 -21.20 53.37
C GLU B 110 13.12 -20.57 52.13
N PHE B 111 12.36 -19.79 51.37
CA PHE B 111 12.90 -19.15 50.18
C PHE B 111 14.16 -18.35 50.52
N GLY B 112 14.27 -17.94 51.78
CA GLY B 112 15.41 -17.17 52.23
C GLY B 112 16.73 -17.92 52.14
N ASN B 113 16.66 -19.23 51.94
CA ASN B 113 17.86 -20.05 51.81
C ASN B 113 18.19 -20.32 50.35
N MET B 114 17.44 -19.72 49.44
CA MET B 114 17.70 -19.93 48.02
C MET B 114 18.69 -18.89 47.46
N SER B 115 19.92 -19.01 47.94
CA SER B 115 21.02 -18.13 47.56
C SER B 115 21.23 -17.89 46.07
N GLN B 116 20.82 -18.83 45.22
CA GLN B 116 21.00 -18.69 43.78
C GLN B 116 19.74 -18.23 43.04
N LEU B 117 18.75 -17.76 43.79
CA LEU B 117 17.49 -17.33 43.18
C LEU B 117 17.64 -16.06 42.34
N LYS B 118 17.50 -16.18 41.02
CA LYS B 118 17.63 -15.02 40.11
C LYS B 118 16.27 -14.46 39.67
N PHE B 119 15.29 -15.34 39.49
CA PHE B 119 13.95 -14.95 39.09
C PHE B 119 12.88 -15.46 40.04
N LEU B 120 11.98 -14.57 40.43
CA LEU B 120 10.89 -14.93 41.32
C LEU B 120 9.58 -14.37 40.79
N GLY B 121 8.66 -15.24 40.43
CA GLY B 121 7.36 -14.82 39.97
C GLY B 121 6.38 -15.01 41.11
N LEU B 122 5.54 -14.00 41.35
CA LEU B 122 4.57 -14.03 42.45
C LEU B 122 3.17 -13.54 42.05
N SER B 123 2.20 -13.76 42.95
CA SER B 123 0.81 -13.37 42.75
C SER B 123 0.20 -13.00 44.10
N THR B 124 -0.74 -12.05 44.09
CA THR B 124 -1.44 -11.61 45.30
C THR B 124 -2.62 -10.72 45.00
N THR B 125 -3.57 -10.71 45.93
CA THR B 125 -4.75 -9.88 45.83
C THR B 125 -4.59 -8.93 47.02
N HIS B 126 -3.63 -9.27 47.88
CA HIS B 126 -3.35 -8.50 49.08
C HIS B 126 -1.84 -8.48 49.27
N LEU B 127 -1.27 -7.30 49.50
CA LEU B 127 0.17 -7.19 49.67
C LEU B 127 0.61 -6.41 50.92
N GLU B 128 1.34 -7.09 51.79
CA GLU B 128 1.85 -6.48 53.02
C GLU B 128 3.37 -6.40 52.95
N LYS B 129 3.90 -5.21 53.23
CA LYS B 129 5.34 -4.96 53.21
C LYS B 129 6.14 -6.03 53.94
N SER B 130 5.61 -6.49 55.07
CA SER B 130 6.29 -7.50 55.88
C SER B 130 6.47 -8.86 55.23
N SER B 131 5.49 -9.30 54.45
CA SER B 131 5.54 -10.60 53.80
C SER B 131 6.73 -10.79 52.86
N VAL B 132 7.45 -9.72 52.57
CA VAL B 132 8.60 -9.80 51.69
C VAL B 132 9.89 -9.99 52.49
N LEU B 133 9.83 -9.66 53.78
CA LEU B 133 10.98 -9.74 54.67
C LEU B 133 11.83 -11.02 54.55
N PRO B 134 11.18 -12.19 54.35
CA PRO B 134 11.96 -13.43 54.24
C PRO B 134 12.97 -13.47 53.10
N ILE B 135 12.74 -12.71 52.04
CA ILE B 135 13.68 -12.73 50.91
C ILE B 135 14.37 -11.39 50.69
N ALA B 136 14.23 -10.47 51.65
CA ALA B 136 14.84 -9.14 51.56
C ALA B 136 16.36 -9.13 51.40
N HIS B 137 17.04 -10.13 51.97
CA HIS B 137 18.50 -10.18 51.88
C HIS B 137 18.99 -10.75 50.54
N LEU B 138 18.08 -11.34 49.78
CA LEU B 138 18.45 -11.93 48.49
C LEU B 138 18.59 -10.90 47.37
N ASN B 139 19.67 -10.99 46.60
CA ASN B 139 19.90 -10.09 45.48
C ASN B 139 19.25 -10.74 44.25
N ILE B 140 17.94 -10.60 44.13
CA ILE B 140 17.22 -11.19 43.00
C ILE B 140 17.40 -10.35 41.74
N SER B 141 17.53 -11.00 40.59
CA SER B 141 17.71 -10.28 39.33
C SER B 141 16.40 -9.67 38.89
N LYS B 142 15.40 -10.53 38.73
CA LYS B 142 14.09 -10.07 38.30
C LYS B 142 12.97 -10.67 39.12
N VAL B 143 12.02 -9.81 39.46
CA VAL B 143 10.84 -10.20 40.20
C VAL B 143 9.66 -9.74 39.38
N LEU B 144 8.70 -10.65 39.17
CA LEU B 144 7.45 -10.38 38.47
C LEU B 144 6.34 -10.55 39.52
N LEU B 145 5.51 -9.52 39.67
CA LEU B 145 4.42 -9.55 40.64
C LEU B 145 3.09 -9.24 39.97
N VAL B 146 2.19 -10.21 39.99
CA VAL B 146 0.88 -10.04 39.39
C VAL B 146 -0.15 -9.79 40.48
N LEU B 147 -0.81 -8.63 40.40
CA LEU B 147 -1.82 -8.27 41.39
C LEU B 147 -3.17 -8.77 40.90
N GLY B 148 -3.87 -9.52 41.76
CA GLY B 148 -5.16 -10.08 41.41
C GLY B 148 -6.22 -9.06 41.04
N GLU B 149 -7.29 -9.51 40.40
CA GLU B 149 -8.36 -8.62 39.97
C GLU B 149 -9.09 -7.93 41.12
N THR B 150 -9.00 -8.50 42.32
CA THR B 150 -9.65 -7.90 43.48
C THR B 150 -8.70 -7.09 44.36
N TYR B 151 -7.49 -6.85 43.87
CA TYR B 151 -6.50 -6.07 44.60
C TYR B 151 -6.99 -4.61 44.72
N GLY B 152 -6.69 -3.95 45.84
CA GLY B 152 -7.15 -2.58 45.99
C GLY B 152 -7.50 -2.10 47.39
N GLU B 153 -8.47 -2.75 48.03
CA GLU B 153 -8.89 -2.36 49.37
C GLU B 153 -7.74 -2.50 50.37
N LYS B 154 -7.72 -1.65 51.39
CA LYS B 154 -6.66 -1.71 52.39
C LYS B 154 -5.34 -1.98 51.70
N GLU B 155 -4.84 -0.96 51.02
CA GLU B 155 -3.61 -1.05 50.27
C GLU B 155 -2.46 -0.36 51.03
N ASP B 156 -1.29 -0.99 51.04
CA ASP B 156 -0.13 -0.42 51.71
C ASP B 156 0.87 0.17 50.72
N PRO B 157 1.00 1.50 50.70
CA PRO B 157 1.92 2.19 49.79
C PRO B 157 3.35 1.65 49.81
N GLU B 158 3.84 1.28 50.98
CA GLU B 158 5.21 0.76 51.13
C GLU B 158 5.34 -0.73 50.81
N GLY B 159 4.27 -1.34 50.33
CA GLY B 159 4.27 -2.76 50.02
C GLY B 159 5.47 -3.35 49.29
N LEU B 160 6.03 -2.60 48.35
CA LEU B 160 7.16 -3.07 47.55
C LEU B 160 8.57 -2.72 48.06
N GLN B 161 8.65 -1.75 48.97
CA GLN B 161 9.94 -1.28 49.47
C GLN B 161 11.02 -2.27 49.92
N ASP B 162 10.63 -3.43 50.45
CA ASP B 162 11.63 -4.40 50.90
C ASP B 162 12.17 -5.32 49.81
N PHE B 163 11.55 -5.29 48.63
CA PHE B 163 12.02 -6.13 47.54
C PHE B 163 13.42 -5.69 47.18
N ASN B 164 14.30 -6.65 46.93
CA ASN B 164 15.67 -6.33 46.58
C ASN B 164 15.95 -6.90 45.19
N THR B 165 15.51 -6.17 44.16
CA THR B 165 15.70 -6.61 42.78
C THR B 165 16.30 -5.53 41.90
N GLU B 166 16.86 -5.98 40.79
CA GLU B 166 17.44 -5.09 39.80
C GLU B 166 16.33 -4.75 38.80
N SER B 167 15.51 -5.75 38.48
CA SER B 167 14.39 -5.60 37.56
C SER B 167 13.09 -5.97 38.25
N LEU B 168 12.06 -5.17 38.00
CA LEU B 168 10.76 -5.38 38.60
C LEU B 168 9.64 -5.15 37.59
N HIS B 169 8.70 -6.08 37.54
CA HIS B 169 7.57 -5.96 36.62
C HIS B 169 6.28 -6.11 37.42
N ILE B 170 5.49 -5.05 37.47
CA ILE B 170 4.21 -5.10 38.19
C ILE B 170 3.08 -5.20 37.18
N VAL B 171 2.23 -6.21 37.37
CA VAL B 171 1.07 -6.42 36.51
C VAL B 171 -0.17 -6.09 37.33
N PHE B 172 -0.76 -4.92 37.05
CA PHE B 172 -1.96 -4.46 37.75
C PHE B 172 -3.23 -5.13 37.23
N PRO B 173 -4.35 -4.96 37.95
CA PRO B 173 -5.61 -5.57 37.52
C PRO B 173 -6.11 -5.06 36.17
N THR B 174 -6.79 -5.92 35.41
CA THR B 174 -7.32 -5.54 34.11
C THR B 174 -8.78 -5.11 34.24
N ASN B 175 -9.28 -4.42 33.23
CA ASN B 175 -10.66 -3.94 33.26
C ASN B 175 -11.07 -3.18 34.52
N LYS B 176 -10.15 -2.36 35.04
CA LYS B 176 -10.45 -1.57 36.23
C LYS B 176 -9.67 -0.26 36.20
N GLU B 177 -10.36 0.85 36.43
CA GLU B 177 -9.71 2.15 36.43
C GLU B 177 -8.56 2.11 37.39
N PHE B 178 -7.49 2.85 37.07
CA PHE B 178 -6.31 2.87 37.94
C PHE B 178 -6.57 3.76 39.15
N HIS B 179 -6.74 3.13 40.31
CA HIS B 179 -6.99 3.87 41.56
C HIS B 179 -6.06 3.37 42.65
N PHE B 180 -4.89 2.89 42.26
CA PHE B 180 -3.93 2.34 43.21
C PHE B 180 -2.90 3.33 43.74
N ILE B 181 -2.46 3.13 44.97
CA ILE B 181 -1.49 4.03 45.58
C ILE B 181 -0.16 3.35 45.90
N LEU B 182 -0.03 2.09 45.49
CA LEU B 182 1.19 1.33 45.71
C LEU B 182 2.38 2.04 45.06
N ASP B 183 3.37 2.39 45.87
CA ASP B 183 4.56 3.08 45.38
C ASP B 183 5.49 2.13 44.61
N VAL B 184 5.61 2.34 43.29
CA VAL B 184 6.44 1.50 42.45
C VAL B 184 7.90 1.92 42.36
N SER B 185 8.27 2.94 43.12
CA SER B 185 9.66 3.39 43.11
C SER B 185 10.39 2.58 44.17
N VAL B 186 11.17 1.59 43.75
CA VAL B 186 11.90 0.76 44.69
C VAL B 186 13.38 1.05 44.60
N LYS B 187 13.97 1.27 45.77
CA LYS B 187 15.37 1.59 45.93
C LYS B 187 16.36 0.93 44.97
N THR B 188 16.27 -0.38 44.83
CA THR B 188 17.21 -1.15 44.01
C THR B 188 16.90 -1.35 42.53
N VAL B 189 15.71 -0.95 42.10
CA VAL B 189 15.33 -1.19 40.71
C VAL B 189 15.90 -0.26 39.64
N ALA B 190 16.55 -0.87 38.65
CA ALA B 190 17.13 -0.13 37.54
C ALA B 190 16.17 -0.25 36.37
N ASN B 191 15.52 -1.41 36.25
CA ASN B 191 14.59 -1.68 35.15
C ASN B 191 13.19 -1.93 35.66
N LEU B 192 12.30 -0.97 35.42
CA LEU B 192 10.92 -1.10 35.86
C LEU B 192 9.94 -1.32 34.72
N GLU B 193 9.00 -2.23 34.92
CA GLU B 193 7.96 -2.49 33.92
C GLU B 193 6.60 -2.55 34.62
N LEU B 194 5.64 -1.80 34.08
CA LEU B 194 4.27 -1.75 34.62
C LEU B 194 3.32 -2.06 33.47
N SER B 195 2.31 -2.87 33.72
CA SER B 195 1.42 -3.19 32.62
C SER B 195 0.05 -2.51 32.55
N ASN B 196 -1.00 -3.28 32.75
CA ASN B 196 -2.38 -2.78 32.65
C ASN B 196 -2.70 -1.46 33.35
N ILE B 197 -2.80 -0.41 32.55
CA ILE B 197 -3.07 0.93 33.07
C ILE B 197 -4.25 1.55 32.35
N LYS B 198 -5.33 1.77 33.10
CA LYS B 198 -6.51 2.35 32.48
C LYS B 198 -7.08 3.51 33.28
N CYS B 199 -7.21 4.66 32.62
CA CYS B 199 -7.81 5.84 33.22
C CYS B 199 -8.37 6.64 32.05
N VAL B 200 -9.62 6.33 31.72
CA VAL B 200 -10.31 6.95 30.61
C VAL B 200 -11.24 8.10 31.02
N LEU B 201 -11.12 8.55 32.26
CA LEU B 201 -11.94 9.67 32.75
C LEU B 201 -11.15 10.95 32.59
N GLU B 202 -11.57 11.79 31.65
CA GLU B 202 -10.91 13.07 31.39
C GLU B 202 -10.83 13.92 32.66
N ASP B 203 -11.93 13.94 33.42
CA ASP B 203 -11.96 14.69 34.68
C ASP B 203 -11.11 13.87 35.63
N ASN B 204 -10.12 14.51 36.26
CA ASN B 204 -9.22 13.80 37.17
C ASN B 204 -8.53 12.70 36.37
N LYS B 205 -7.96 13.11 35.23
CA LYS B 205 -7.28 12.20 34.30
C LYS B 205 -5.96 11.60 34.82
N CYS B 206 -6.00 10.30 35.08
CA CYS B 206 -4.86 9.54 35.58
C CYS B 206 -4.09 10.17 36.73
N SER B 207 -4.81 10.85 37.63
CA SER B 207 -4.14 11.47 38.77
C SER B 207 -3.47 10.38 39.61
N TYR B 208 -4.14 9.25 39.78
CA TYR B 208 -3.56 8.15 40.55
C TYR B 208 -2.33 7.60 39.87
N PHE B 209 -2.44 7.23 38.60
CA PHE B 209 -1.29 6.72 37.88
C PHE B 209 -0.16 7.74 37.78
N LEU B 210 -0.49 8.97 37.41
CA LEU B 210 0.54 10.02 37.30
C LEU B 210 1.24 10.25 38.64
N SER B 211 0.52 10.05 39.74
CA SER B 211 1.11 10.22 41.07
C SER B 211 2.18 9.19 41.34
N ILE B 212 1.95 7.92 40.99
CA ILE B 212 3.00 6.94 41.27
C ILE B 212 4.15 7.14 40.31
N LEU B 213 3.87 7.63 39.11
CA LEU B 213 4.95 7.88 38.15
C LEU B 213 5.81 9.03 38.64
N ALA B 214 5.16 10.01 39.29
CA ALA B 214 5.86 11.18 39.81
C ALA B 214 6.90 10.76 40.82
N LYS B 215 6.56 9.77 41.63
CA LYS B 215 7.48 9.28 42.65
C LYS B 215 8.75 8.66 42.09
N LEU B 216 8.79 8.43 40.78
CA LEU B 216 9.96 7.82 40.14
C LEU B 216 11.11 8.80 39.96
N GLN B 217 10.81 10.09 40.08
CA GLN B 217 11.83 11.12 39.94
C GLN B 217 12.87 11.02 41.06
N THR B 218 12.45 10.53 42.22
CA THR B 218 13.34 10.41 43.38
C THR B 218 14.23 9.18 43.34
N ASN B 219 14.11 8.37 42.30
CA ASN B 219 14.90 7.15 42.19
C ASN B 219 15.98 7.26 41.11
N PRO B 220 17.17 7.75 41.47
CA PRO B 220 18.30 7.93 40.55
C PRO B 220 18.77 6.62 39.89
N LYS B 221 18.42 5.48 40.49
CA LYS B 221 18.85 4.21 39.92
C LYS B 221 18.01 3.79 38.71
N LEU B 222 16.80 4.32 38.60
CA LEU B 222 15.92 3.96 37.49
C LEU B 222 16.56 4.31 36.14
N SER B 223 16.80 3.29 35.32
CA SER B 223 17.41 3.49 34.02
C SER B 223 16.47 3.15 32.84
N ASN B 224 15.62 2.14 33.03
CA ASN B 224 14.67 1.71 32.00
C ASN B 224 13.23 1.69 32.53
N LEU B 225 12.28 2.10 31.69
CA LEU B 225 10.88 2.10 32.07
C LEU B 225 10.07 1.54 30.90
N THR B 226 9.19 0.59 31.22
CA THR B 226 8.34 -0.03 30.21
C THR B 226 6.89 -0.02 30.69
N LEU B 227 6.00 0.48 29.82
CA LEU B 227 4.57 0.55 30.10
C LEU B 227 3.84 -0.28 29.04
N ASN B 228 2.98 -1.19 29.49
CA ASN B 228 2.21 -2.06 28.57
C ASN B 228 0.71 -1.94 28.83
N ASN B 229 -0.08 -2.17 27.78
CA ASN B 229 -1.53 -2.16 27.84
C ASN B 229 -2.10 -0.93 28.51
N ILE B 230 -1.97 0.21 27.82
CA ILE B 230 -2.48 1.46 28.35
C ILE B 230 -3.75 1.83 27.64
N GLU B 231 -4.76 2.24 28.42
CA GLU B 231 -6.03 2.69 27.83
C GLU B 231 -6.28 4.02 28.49
N THR B 232 -6.15 5.10 27.74
CA THR B 232 -6.33 6.43 28.31
C THR B 232 -6.71 7.46 27.24
N THR B 233 -6.73 8.73 27.63
CA THR B 233 -7.05 9.82 26.70
C THR B 233 -5.78 10.38 26.08
N TRP B 234 -5.92 11.13 24.99
CA TRP B 234 -4.76 11.72 24.36
C TRP B 234 -4.05 12.66 25.34
N ASN B 235 -4.81 13.43 26.11
CA ASN B 235 -4.19 14.34 27.07
C ASN B 235 -3.35 13.59 28.10
N SER B 236 -3.92 12.58 28.74
CA SER B 236 -3.18 11.82 29.74
C SER B 236 -1.94 11.15 29.14
N PHE B 237 -2.08 10.61 27.94
CA PHE B 237 -0.95 9.97 27.28
C PHE B 237 0.21 10.95 27.17
N ILE B 238 -0.08 12.18 26.74
CA ILE B 238 0.95 13.17 26.61
C ILE B 238 1.51 13.56 27.98
N ARG B 239 0.68 13.54 29.03
CA ARG B 239 1.16 13.87 30.36
C ARG B 239 2.12 12.79 30.85
N ILE B 240 1.80 11.54 30.56
CA ILE B 240 2.67 10.44 30.97
C ILE B 240 4.04 10.66 30.33
N LEU B 241 4.02 10.97 29.03
CA LEU B 241 5.24 11.22 28.28
C LEU B 241 6.02 12.37 28.91
N GLN B 242 5.33 13.47 29.20
CA GLN B 242 5.94 14.64 29.78
C GLN B 242 6.57 14.34 31.13
N LEU B 243 5.85 13.64 31.98
CA LEU B 243 6.33 13.29 33.31
C LEU B 243 7.60 12.40 33.26
N VAL B 244 7.57 11.38 32.40
CA VAL B 244 8.72 10.48 32.27
C VAL B 244 9.93 11.24 31.68
N TRP B 245 9.64 12.22 30.84
CA TRP B 245 10.68 13.02 30.21
C TRP B 245 11.67 13.63 31.20
N HIS B 246 11.17 14.01 32.38
CA HIS B 246 12.02 14.64 33.39
C HIS B 246 12.60 13.68 34.43
N THR B 247 12.47 12.37 34.22
CA THR B 247 13.02 11.39 35.17
C THR B 247 14.46 11.08 34.77
N THR B 248 15.04 10.07 35.39
CA THR B 248 16.42 9.68 35.06
C THR B 248 16.46 8.56 34.03
N VAL B 249 15.30 8.14 33.50
CA VAL B 249 15.30 7.05 32.54
C VAL B 249 16.03 7.37 31.24
N TRP B 250 16.71 6.35 30.75
CA TRP B 250 17.49 6.41 29.52
C TRP B 250 16.74 5.69 28.41
N TYR B 251 16.04 4.62 28.79
CA TYR B 251 15.31 3.79 27.85
C TYR B 251 13.84 3.70 28.24
N PHE B 252 12.98 4.25 27.39
CA PHE B 252 11.55 4.28 27.65
C PHE B 252 10.80 3.51 26.56
N SER B 253 10.02 2.51 26.96
CA SER B 253 9.25 1.70 26.02
C SER B 253 7.77 1.68 26.36
N ILE B 254 6.94 1.87 25.34
CA ILE B 254 5.50 1.85 25.51
C ILE B 254 4.89 0.91 24.46
N SER B 255 4.01 0.00 24.87
CA SER B 255 3.39 -0.89 23.89
C SER B 255 1.94 -1.20 24.21
N ASN B 256 1.14 -1.33 23.16
CA ASN B 256 -0.28 -1.62 23.26
C ASN B 256 -1.02 -0.49 23.98
N VAL B 257 -1.32 0.54 23.19
CA VAL B 257 -1.99 1.73 23.67
C VAL B 257 -3.32 1.95 22.95
N LYS B 258 -4.35 2.30 23.72
CA LYS B 258 -5.67 2.60 23.14
C LYS B 258 -5.88 4.05 23.56
N LEU B 259 -6.11 4.91 22.58
CA LEU B 259 -6.28 6.34 22.83
C LEU B 259 -7.65 6.84 22.42
N GLN B 260 -8.17 7.82 23.16
CA GLN B 260 -9.47 8.39 22.83
C GLN B 260 -9.47 9.85 23.27
N GLY B 261 -10.55 10.57 22.95
CA GLY B 261 -10.64 11.97 23.32
C GLY B 261 -9.98 12.95 22.36
N GLN B 262 -9.90 14.21 22.78
CA GLN B 262 -9.30 15.26 21.96
C GLN B 262 -8.01 15.76 22.62
N LEU B 263 -6.94 15.87 21.84
CA LEU B 263 -5.68 16.35 22.36
C LEU B 263 -5.68 17.87 22.51
N ASP B 264 -5.59 18.35 23.76
CA ASP B 264 -5.57 19.79 24.05
C ASP B 264 -4.20 20.22 24.59
N PHE B 265 -3.51 19.30 25.25
CA PHE B 265 -2.19 19.53 25.84
C PHE B 265 -1.09 19.44 24.80
N ARG B 266 -0.71 20.58 24.21
CA ARG B 266 0.32 20.62 23.19
C ARG B 266 1.66 21.16 23.67
N ASP B 267 1.63 21.97 24.74
CA ASP B 267 2.84 22.58 25.28
C ASP B 267 3.82 21.61 25.94
N PHE B 268 4.69 20.98 25.15
CA PHE B 268 5.64 20.04 25.72
C PHE B 268 6.99 20.69 26.07
N ASP B 269 7.52 20.33 27.23
CA ASP B 269 8.80 20.85 27.69
C ASP B 269 9.83 19.74 27.56
N TYR B 270 10.73 19.87 26.57
CA TYR B 270 11.76 18.87 26.31
C TYR B 270 13.03 19.02 27.15
N SER B 271 13.13 20.07 27.96
CA SER B 271 14.34 20.29 28.75
C SER B 271 14.56 19.32 29.90
N GLY B 272 15.83 19.19 30.28
CA GLY B 272 16.23 18.33 31.37
C GLY B 272 15.95 16.84 31.25
N THR B 273 16.11 16.27 30.07
CA THR B 273 15.86 14.84 29.92
C THR B 273 17.16 14.04 29.87
N SER B 274 17.05 12.74 30.11
CA SER B 274 18.20 11.86 30.05
C SER B 274 17.89 10.77 29.04
N LEU B 275 16.71 10.85 28.42
CA LEU B 275 16.31 9.83 27.47
C LEU B 275 17.25 9.65 26.30
N LYS B 276 17.61 8.41 26.04
CA LYS B 276 18.47 8.05 24.93
C LYS B 276 17.64 7.37 23.86
N ALA B 277 16.64 6.61 24.29
CA ALA B 277 15.79 5.90 23.35
C ALA B 277 14.33 5.82 23.80
N LEU B 278 13.43 6.05 22.85
CA LEU B 278 12.00 5.99 23.08
C LEU B 278 11.36 5.14 21.97
N SER B 279 10.62 4.11 22.37
CA SER B 279 9.96 3.27 21.41
C SER B 279 8.49 3.15 21.81
N ILE B 280 7.62 3.17 20.81
CA ILE B 280 6.19 3.10 21.00
C ILE B 280 5.71 2.09 19.95
N HIS B 281 5.04 1.05 20.41
CA HIS B 281 4.53 0.00 19.53
C HIS B 281 3.05 -0.30 19.75
N GLN B 282 2.35 -0.54 18.65
CA GLN B 282 0.93 -0.91 18.65
C GLN B 282 0.05 0.09 19.36
N VAL B 283 -0.42 1.07 18.61
CA VAL B 283 -1.29 2.10 19.15
C VAL B 283 -2.54 2.16 18.30
N VAL B 284 -3.69 2.20 18.93
CA VAL B 284 -4.94 2.33 18.19
C VAL B 284 -5.61 3.57 18.76
N SER B 285 -6.10 4.44 17.87
CA SER B 285 -6.75 5.66 18.29
C SER B 285 -8.15 5.77 17.71
N ASP B 286 -9.05 6.35 18.49
CA ASP B 286 -10.40 6.56 18.01
C ASP B 286 -10.30 7.75 17.05
N VAL B 287 -11.33 7.97 16.27
CA VAL B 287 -11.35 9.11 15.37
C VAL B 287 -11.32 10.38 16.23
N PHE B 288 -10.87 11.52 15.68
CA PHE B 288 -10.84 12.76 16.45
C PHE B 288 -10.96 13.97 15.53
N GLY B 289 -11.20 15.14 16.14
CA GLY B 289 -11.40 16.35 15.37
C GLY B 289 -10.33 17.41 15.43
N PHE B 290 -9.33 17.21 16.28
CA PHE B 290 -8.23 18.18 16.38
C PHE B 290 -7.22 17.89 15.27
N PRO B 291 -6.46 18.91 14.83
CA PRO B 291 -5.47 18.72 13.76
C PRO B 291 -4.43 17.65 14.11
N GLN B 292 -4.19 16.72 13.19
CA GLN B 292 -3.22 15.64 13.41
C GLN B 292 -1.82 16.17 13.73
N SER B 293 -1.52 17.36 13.24
CA SER B 293 -0.22 17.97 13.50
C SER B 293 0.07 18.14 15.00
N TYR B 294 -0.96 18.20 15.83
CA TYR B 294 -0.74 18.35 17.27
C TYR B 294 0.08 17.16 17.77
N ILE B 295 -0.21 15.98 17.24
CA ILE B 295 0.50 14.76 17.62
C ILE B 295 1.92 14.75 17.05
N TYR B 296 2.00 14.93 15.74
CA TYR B 296 3.28 14.89 15.04
C TYR B 296 4.30 15.93 15.51
N GLU B 297 3.83 17.11 15.88
CA GLU B 297 4.74 18.15 16.33
C GLU B 297 5.44 17.73 17.60
N ILE B 298 4.70 17.11 18.51
CA ILE B 298 5.28 16.68 19.77
C ILE B 298 6.41 15.69 19.56
N PHE B 299 6.17 14.67 18.75
CA PHE B 299 7.19 13.68 18.52
C PHE B 299 8.34 14.14 17.61
N SER B 300 8.04 14.96 16.61
CA SER B 300 9.10 15.40 15.70
C SER B 300 10.14 16.29 16.36
N ASN B 301 9.79 16.92 17.48
CA ASN B 301 10.70 17.82 18.13
C ASN B 301 11.41 17.28 19.37
N MET B 302 11.31 15.97 19.57
CA MET B 302 11.94 15.30 20.71
C MET B 302 13.46 15.35 20.59
N ASN B 303 14.11 15.74 21.68
CA ASN B 303 15.56 15.84 21.70
C ASN B 303 16.24 14.55 22.14
N ILE B 304 16.00 13.48 21.39
CA ILE B 304 16.62 12.20 21.71
C ILE B 304 17.30 11.62 20.48
N LYS B 305 18.14 10.62 20.67
CA LYS B 305 18.88 10.01 19.57
C LYS B 305 18.15 8.89 18.86
N ASN B 306 17.51 8.02 19.65
CA ASN B 306 16.79 6.86 19.13
C ASN B 306 15.29 7.00 19.33
N PHE B 307 14.55 6.79 18.26
CA PHE B 307 13.10 6.91 18.33
C PHE B 307 12.47 5.93 17.36
N THR B 308 11.56 5.13 17.89
CA THR B 308 10.87 4.12 17.13
C THR B 308 9.35 4.22 17.35
N VAL B 309 8.59 4.12 16.27
CA VAL B 309 7.12 4.14 16.32
C VAL B 309 6.68 3.15 15.28
N SER B 310 6.07 2.05 15.73
CA SER B 310 5.60 0.97 14.86
C SER B 310 4.23 0.44 15.27
N GLY B 311 3.46 -0.01 14.28
CA GLY B 311 2.14 -0.53 14.57
C GLY B 311 1.12 0.54 14.96
N THR B 312 1.12 1.67 14.25
CA THR B 312 0.19 2.77 14.51
C THR B 312 -0.35 3.24 13.15
N ARG B 313 -1.39 4.08 13.14
CA ARG B 313 -1.95 4.55 11.88
C ARG B 313 -1.46 5.95 11.48
N MET B 314 -0.33 6.34 12.05
CA MET B 314 0.29 7.61 11.73
C MET B 314 0.45 7.70 10.22
N VAL B 315 -0.11 8.74 9.61
CA VAL B 315 -0.04 8.88 8.16
C VAL B 315 1.02 9.87 7.70
N HIS B 316 1.66 10.53 8.66
CA HIS B 316 2.66 11.52 8.33
C HIS B 316 3.56 11.85 9.53
N MET B 317 4.69 12.48 9.23
CA MET B 317 5.59 12.94 10.28
C MET B 317 6.23 14.23 9.77
N LEU B 318 6.28 15.23 10.63
CA LEU B 318 6.84 16.52 10.29
C LEU B 318 8.32 16.62 10.55
N CYS B 319 8.94 17.59 9.90
CA CYS B 319 10.36 17.86 10.05
C CYS B 319 10.50 18.61 11.37
N PRO B 320 11.59 18.36 12.10
CA PRO B 320 11.84 19.04 13.40
C PRO B 320 11.94 20.57 13.17
N SER B 321 11.52 21.35 14.16
CA SER B 321 11.55 22.81 14.06
C SER B 321 12.94 23.39 14.14
N LYS B 322 13.92 22.60 14.57
CA LYS B 322 15.30 23.05 14.65
C LYS B 322 16.20 21.85 14.37
N ILE B 323 17.48 22.10 14.13
CA ILE B 323 18.40 21.00 13.86
C ILE B 323 18.18 19.96 14.94
N SER B 324 17.85 18.74 14.50
CA SER B 324 17.53 17.65 15.42
C SER B 324 18.66 16.69 15.74
N PRO B 325 18.63 16.12 16.94
CA PRO B 325 19.65 15.17 17.36
C PRO B 325 19.27 13.73 17.00
N PHE B 326 18.14 13.55 16.31
CA PHE B 326 17.70 12.21 15.88
C PHE B 326 18.84 11.53 15.16
N LEU B 327 19.18 10.31 15.61
CA LEU B 327 20.25 9.53 15.01
C LEU B 327 19.73 8.27 14.30
N HIS B 328 18.81 7.57 14.94
CA HIS B 328 18.20 6.36 14.39
C HIS B 328 16.72 6.41 14.54
N LEU B 329 16.03 6.39 13.42
CA LEU B 329 14.59 6.43 13.43
C LEU B 329 14.03 5.18 12.79
N ASP B 330 13.10 4.54 13.49
CA ASP B 330 12.45 3.35 12.99
C ASP B 330 10.95 3.65 12.95
N PHE B 331 10.43 3.89 11.76
CA PHE B 331 9.00 4.17 11.59
C PHE B 331 8.36 3.08 10.75
N SER B 332 8.81 1.85 10.93
CA SER B 332 8.23 0.75 10.18
C SER B 332 6.84 0.40 10.67
N ASN B 333 6.02 -0.08 9.74
CA ASN B 333 4.66 -0.52 10.02
C ASN B 333 3.69 0.54 10.52
N ASN B 334 3.58 1.63 9.75
CA ASN B 334 2.64 2.72 10.02
C ASN B 334 1.96 3.01 8.67
N LEU B 335 1.48 4.24 8.47
CA LEU B 335 0.83 4.61 7.22
C LEU B 335 1.50 5.79 6.53
N LEU B 336 2.82 5.92 6.71
CA LEU B 336 3.55 7.04 6.11
C LEU B 336 3.59 7.02 4.58
N THR B 337 3.54 8.21 3.98
CA THR B 337 3.57 8.36 2.52
C THR B 337 4.85 9.08 2.08
N ASP B 338 4.98 9.25 0.77
CA ASP B 338 6.16 9.89 0.14
C ASP B 338 6.55 11.27 0.65
N THR B 339 5.60 12.01 1.21
CA THR B 339 5.90 13.34 1.68
C THR B 339 6.35 13.42 3.14
N VAL B 340 6.66 12.28 3.75
CA VAL B 340 7.13 12.30 5.14
C VAL B 340 8.49 13.03 5.20
N PHE B 341 8.65 13.95 6.15
CA PHE B 341 9.88 14.74 6.27
C PHE B 341 10.20 15.58 5.01
N GLU B 342 9.19 15.94 4.23
CA GLU B 342 9.49 16.72 3.03
C GLU B 342 9.95 18.14 3.40
N ASN B 343 10.68 18.78 2.48
CA ASN B 343 11.16 20.14 2.69
C ASN B 343 11.86 20.28 4.04
N CYS B 344 12.81 19.39 4.30
CA CYS B 344 13.51 19.36 5.58
C CYS B 344 15.00 19.59 5.48
N GLY B 345 15.55 20.29 6.46
CA GLY B 345 16.98 20.55 6.47
C GLY B 345 17.48 20.39 7.90
N HIS B 346 16.66 19.76 8.75
CA HIS B 346 17.00 19.59 10.15
C HIS B 346 17.37 18.18 10.62
N LEU B 347 17.37 17.21 9.69
CA LEU B 347 17.74 15.84 10.02
C LEU B 347 19.15 15.59 9.50
N THR B 348 20.03 16.54 9.78
CA THR B 348 21.41 16.48 9.32
C THR B 348 22.31 15.50 10.09
N GLU B 349 21.83 14.98 11.23
CA GLU B 349 22.61 14.04 12.02
C GLU B 349 22.07 12.61 11.90
N LEU B 350 20.90 12.47 11.29
CA LEU B 350 20.26 11.16 11.12
C LEU B 350 21.20 10.18 10.38
N GLU B 351 21.43 9.01 10.97
CA GLU B 351 22.32 8.01 10.36
C GLU B 351 21.55 6.81 9.82
N THR B 352 20.46 6.46 10.48
CA THR B 352 19.64 5.32 10.09
C THR B 352 18.16 5.70 10.07
N LEU B 353 17.45 5.25 9.03
CA LEU B 353 16.03 5.53 8.88
C LEU B 353 15.31 4.32 8.25
N ILE B 354 14.36 3.77 8.99
CA ILE B 354 13.60 2.62 8.54
C ILE B 354 12.15 3.04 8.24
N LEU B 355 11.72 2.79 7.01
CA LEU B 355 10.37 3.15 6.57
C LEU B 355 9.66 1.96 5.95
N GLN B 356 10.07 0.78 6.37
CA GLN B 356 9.50 -0.48 5.93
C GLN B 356 8.03 -0.59 6.33
N MET B 357 7.22 -1.16 5.45
CA MET B 357 5.81 -1.36 5.74
C MET B 357 4.98 -0.09 5.99
N ASN B 358 4.99 0.83 5.04
CA ASN B 358 4.19 2.04 5.14
C ASN B 358 3.37 2.18 3.85
N GLN B 359 3.31 3.36 3.27
CA GLN B 359 2.57 3.57 2.04
C GLN B 359 3.37 4.38 1.03
N LEU B 360 4.64 4.04 0.87
CA LEU B 360 5.52 4.74 -0.04
C LEU B 360 5.31 4.34 -1.50
N LYS B 361 5.40 5.30 -2.42
CA LYS B 361 5.17 5.00 -3.83
C LYS B 361 6.15 5.57 -4.84
N GLU B 362 6.48 6.85 -4.74
CA GLU B 362 7.38 7.48 -5.70
C GLU B 362 8.83 7.63 -5.20
N LEU B 363 9.72 6.86 -5.81
CA LEU B 363 11.14 6.88 -5.43
C LEU B 363 11.80 8.25 -5.57
N SER B 364 11.49 8.98 -6.62
CA SER B 364 12.08 10.32 -6.81
C SER B 364 11.85 11.20 -5.58
N LYS B 365 10.61 11.18 -5.08
CA LYS B 365 10.24 11.97 -3.92
C LYS B 365 10.97 11.46 -2.68
N ILE B 366 11.13 10.14 -2.59
CA ILE B 366 11.84 9.58 -1.45
C ILE B 366 13.31 10.00 -1.47
N ALA B 367 13.89 10.04 -2.66
CA ALA B 367 15.30 10.44 -2.78
C ALA B 367 15.49 11.91 -2.37
N GLU B 368 14.51 12.76 -2.70
CA GLU B 368 14.58 14.17 -2.36
C GLU B 368 14.49 14.39 -0.85
N MET B 369 13.74 13.52 -0.18
CA MET B 369 13.58 13.63 1.26
C MET B 369 14.97 13.45 1.87
N THR B 370 15.78 12.70 1.14
CA THR B 370 17.12 12.33 1.54
C THR B 370 18.24 13.35 1.29
N THR B 371 18.02 14.24 0.33
CA THR B 371 19.03 15.22 -0.06
C THR B 371 19.75 15.97 1.07
N GLN B 372 19.01 16.51 2.04
CA GLN B 372 19.65 17.22 3.12
C GLN B 372 19.99 16.36 4.34
N MET B 373 19.79 15.05 4.23
CA MET B 373 20.14 14.16 5.34
C MET B 373 21.62 13.79 5.10
N LYS B 374 22.50 14.76 5.37
CA LYS B 374 23.94 14.62 5.16
C LYS B 374 24.67 13.50 5.88
N SER B 375 24.07 12.94 6.91
CA SER B 375 24.71 11.86 7.66
C SER B 375 24.06 10.52 7.42
N LEU B 376 22.99 10.48 6.62
CA LEU B 376 22.26 9.22 6.39
C LEU B 376 23.14 8.15 5.77
N GLN B 377 23.21 6.99 6.42
CA GLN B 377 24.01 5.88 5.91
C GLN B 377 23.19 4.66 5.53
N GLN B 378 22.07 4.47 6.22
CA GLN B 378 21.22 3.33 5.95
C GLN B 378 19.76 3.77 5.78
N LEU B 379 19.13 3.28 4.73
CA LEU B 379 17.74 3.62 4.44
C LEU B 379 16.99 2.35 4.01
N ASP B 380 15.89 2.05 4.69
CA ASP B 380 15.08 0.89 4.37
C ASP B 380 13.65 1.31 3.96
N ILE B 381 13.28 1.05 2.71
CA ILE B 381 11.93 1.38 2.26
C ILE B 381 11.30 0.14 1.66
N SER B 382 11.68 -1.01 2.21
CA SER B 382 11.17 -2.28 1.74
C SER B 382 9.72 -2.46 2.17
N GLN B 383 9.04 -3.39 1.49
CA GLN B 383 7.65 -3.70 1.75
C GLN B 383 6.72 -2.51 1.66
N ASN B 384 6.82 -1.81 0.55
CA ASN B 384 5.99 -0.67 0.23
C ASN B 384 5.49 -0.95 -1.19
N SER B 385 5.17 0.10 -1.95
CA SER B 385 4.72 -0.09 -3.32
C SER B 385 5.50 0.92 -4.16
N VAL B 386 6.81 0.95 -3.94
CA VAL B 386 7.66 1.89 -4.64
C VAL B 386 8.01 1.57 -6.08
N SER B 387 7.83 2.56 -6.94
CA SER B 387 8.17 2.44 -8.34
C SER B 387 8.97 3.70 -8.70
N TYR B 388 9.76 3.63 -9.76
CA TYR B 388 10.56 4.78 -10.17
C TYR B 388 10.23 5.23 -11.58
N ASP B 389 9.91 6.52 -11.74
CA ASP B 389 9.62 7.04 -13.06
C ASP B 389 10.87 7.74 -13.60
N GLU B 390 11.52 7.07 -14.54
CA GLU B 390 12.74 7.57 -15.14
C GLU B 390 12.56 8.93 -15.80
N LYS B 391 11.32 9.28 -16.14
CA LYS B 391 11.06 10.58 -16.77
C LYS B 391 11.34 11.71 -15.80
N LYS B 392 11.52 11.36 -14.53
CA LYS B 392 11.79 12.34 -13.49
C LYS B 392 13.27 12.73 -13.49
N GLY B 393 14.06 11.95 -14.22
CA GLY B 393 15.48 12.23 -14.30
C GLY B 393 16.28 11.73 -13.12
N ASP B 394 17.51 12.22 -12.99
CA ASP B 394 18.40 11.83 -11.90
C ASP B 394 17.79 12.08 -10.53
N CYS B 395 18.07 11.16 -9.60
CA CYS B 395 17.57 11.27 -8.25
C CYS B 395 18.50 12.13 -7.40
N SER B 396 17.98 12.71 -6.32
CA SER B 396 18.78 13.56 -5.48
C SER B 396 19.23 12.92 -4.16
N TRP B 397 19.69 11.68 -4.19
CA TRP B 397 20.13 11.00 -2.97
C TRP B 397 21.35 11.69 -2.33
N THR B 398 21.46 11.64 -1.00
CA THR B 398 22.65 12.19 -0.33
C THR B 398 23.75 11.23 -0.74
N LYS B 399 24.97 11.72 -0.82
CA LYS B 399 26.11 10.89 -1.21
C LYS B 399 26.59 10.01 -0.05
N SER B 400 26.07 10.25 1.14
CA SER B 400 26.48 9.48 2.32
C SER B 400 25.83 8.10 2.44
N LEU B 401 24.74 7.88 1.71
CA LEU B 401 24.04 6.61 1.78
C LEU B 401 24.92 5.42 1.36
N LEU B 402 25.02 4.43 2.26
CA LEU B 402 25.85 3.24 2.03
C LEU B 402 25.06 1.95 1.89
N SER B 403 23.93 1.86 2.57
CA SER B 403 23.10 0.68 2.53
C SER B 403 21.68 1.11 2.21
N LEU B 404 21.12 0.54 1.15
CA LEU B 404 19.78 0.87 0.69
C LEU B 404 18.94 -0.39 0.45
N ASN B 405 17.85 -0.52 1.20
CA ASN B 405 16.98 -1.69 1.08
C ASN B 405 15.67 -1.29 0.41
N MET B 406 15.46 -1.82 -0.80
CA MET B 406 14.24 -1.49 -1.55
C MET B 406 13.51 -2.75 -1.99
N SER B 407 13.74 -3.83 -1.26
CA SER B 407 13.12 -5.08 -1.56
C SER B 407 11.63 -5.04 -1.29
N SER B 408 10.91 -5.90 -2.01
CA SER B 408 9.46 -6.01 -1.89
C SER B 408 8.75 -4.72 -2.27
N ASN B 409 8.95 -4.29 -3.51
CA ASN B 409 8.32 -3.09 -4.05
C ASN B 409 7.98 -3.45 -5.49
N ILE B 410 7.81 -2.46 -6.35
CA ILE B 410 7.53 -2.75 -7.76
C ILE B 410 8.49 -2.00 -8.67
N LEU B 411 9.78 -2.10 -8.38
CA LEU B 411 10.81 -1.44 -9.18
C LEU B 411 11.22 -2.28 -10.41
N THR B 412 11.56 -1.59 -11.50
CA THR B 412 12.00 -2.25 -12.74
C THR B 412 13.51 -1.96 -12.92
N ASP B 413 14.10 -2.41 -14.02
CA ASP B 413 15.52 -2.18 -14.25
C ASP B 413 15.93 -0.71 -14.30
N THR B 414 14.95 0.18 -14.46
CA THR B 414 15.25 1.61 -14.50
C THR B 414 15.85 2.08 -13.17
N ILE B 415 15.68 1.28 -12.12
CA ILE B 415 16.20 1.60 -10.79
C ILE B 415 17.71 1.87 -10.81
N PHE B 416 18.42 1.22 -11.73
CA PHE B 416 19.86 1.43 -11.78
C PHE B 416 20.26 2.82 -12.28
N ARG B 417 19.28 3.63 -12.67
CA ARG B 417 19.56 4.99 -13.13
C ARG B 417 19.33 5.96 -11.97
N CYS B 418 18.93 5.43 -10.82
CA CYS B 418 18.63 6.24 -9.64
C CYS B 418 19.21 5.62 -8.37
N LEU B 419 20.53 5.61 -8.26
CA LEU B 419 21.21 5.02 -7.11
C LEU B 419 22.34 5.87 -6.55
N PRO B 420 22.49 5.88 -5.21
CA PRO B 420 23.56 6.67 -4.59
C PRO B 420 24.92 6.13 -5.06
N PRO B 421 25.87 7.03 -5.38
CA PRO B 421 27.21 6.73 -5.86
C PRO B 421 28.04 5.73 -5.08
N ARG B 422 28.21 5.99 -3.78
CA ARG B 422 29.02 5.15 -2.89
C ARG B 422 28.31 3.95 -2.28
N ILE B 423 27.17 3.57 -2.86
CA ILE B 423 26.40 2.44 -2.34
C ILE B 423 27.21 1.15 -2.14
N LYS B 424 27.09 0.55 -0.95
CA LYS B 424 27.80 -0.69 -0.62
C LYS B 424 26.86 -1.90 -0.56
N VAL B 425 25.69 -1.69 0.01
CA VAL B 425 24.69 -2.74 0.15
C VAL B 425 23.42 -2.29 -0.56
N LEU B 426 22.97 -3.11 -1.51
CA LEU B 426 21.78 -2.81 -2.29
C LEU B 426 20.91 -4.04 -2.35
N ASP B 427 19.80 -4.02 -1.62
CA ASP B 427 18.90 -5.16 -1.62
C ASP B 427 17.71 -4.85 -2.51
N LEU B 428 17.55 -5.60 -3.59
CA LEU B 428 16.47 -5.38 -4.52
C LEU B 428 15.58 -6.59 -4.74
N HIS B 429 15.64 -7.57 -3.84
CA HIS B 429 14.81 -8.75 -4.04
C HIS B 429 13.32 -8.44 -4.02
N SER B 430 12.58 -9.25 -4.76
CA SER B 430 11.14 -9.14 -4.90
C SER B 430 10.66 -7.85 -5.51
N ASN B 431 11.10 -7.60 -6.73
CA ASN B 431 10.67 -6.44 -7.50
C ASN B 431 10.31 -6.94 -8.90
N LYS B 432 10.29 -6.03 -9.88
CA LYS B 432 9.92 -6.42 -11.23
C LYS B 432 11.09 -6.14 -12.17
N ILE B 433 12.30 -6.52 -11.76
CA ILE B 433 13.47 -6.25 -12.58
C ILE B 433 13.65 -7.33 -13.66
N LYS B 434 13.63 -6.90 -14.92
CA LYS B 434 13.76 -7.84 -16.04
C LYS B 434 15.14 -7.86 -16.66
N SER B 435 16.02 -6.99 -16.18
CA SER B 435 17.38 -6.96 -16.70
C SER B 435 18.29 -6.14 -15.81
N ILE B 436 19.59 -6.32 -16.01
CA ILE B 436 20.60 -5.59 -15.26
C ILE B 436 21.28 -4.73 -16.31
N PRO B 437 21.00 -3.42 -16.31
CA PRO B 437 21.62 -2.53 -17.30
C PRO B 437 23.12 -2.31 -17.09
N LYS B 438 23.75 -1.67 -18.07
CA LYS B 438 25.18 -1.38 -18.03
C LYS B 438 25.57 -0.37 -16.93
N GLN B 439 24.62 0.46 -16.52
CA GLN B 439 24.87 1.46 -15.49
C GLN B 439 25.42 0.89 -14.17
N VAL B 440 25.11 -0.38 -13.92
CA VAL B 440 25.55 -1.06 -12.70
C VAL B 440 27.06 -1.02 -12.45
N VAL B 441 27.84 -1.04 -13.53
CA VAL B 441 29.30 -1.01 -13.43
C VAL B 441 29.83 0.24 -12.74
N LYS B 442 29.03 1.31 -12.75
CA LYS B 442 29.44 2.56 -12.10
C LYS B 442 29.45 2.41 -10.58
N LEU B 443 28.81 1.37 -10.07
CA LEU B 443 28.76 1.16 -8.62
C LEU B 443 30.05 0.51 -8.14
N GLU B 444 31.11 1.29 -8.10
CA GLU B 444 32.44 0.82 -7.71
C GLU B 444 32.55 0.26 -6.29
N ALA B 445 31.74 0.78 -5.37
CA ALA B 445 31.81 0.35 -3.98
C ALA B 445 30.89 -0.81 -3.62
N LEU B 446 30.06 -1.23 -4.55
CA LEU B 446 29.11 -2.30 -4.28
C LEU B 446 29.76 -3.57 -3.73
N GLN B 447 29.36 -3.98 -2.53
CA GLN B 447 29.87 -5.17 -1.90
C GLN B 447 28.82 -6.27 -1.85
N GLU B 448 27.57 -5.89 -1.63
CA GLU B 448 26.49 -6.85 -1.57
C GLU B 448 25.32 -6.43 -2.45
N LEU B 449 24.95 -7.31 -3.38
CA LEU B 449 23.85 -7.04 -4.30
C LEU B 449 22.87 -8.19 -4.25
N ASN B 450 21.59 -7.89 -4.01
CA ASN B 450 20.58 -8.93 -3.94
C ASN B 450 19.48 -8.64 -4.96
N VAL B 451 19.45 -9.43 -6.03
CA VAL B 451 18.44 -9.26 -7.07
C VAL B 451 17.61 -10.54 -7.21
N ALA B 452 17.51 -11.29 -6.12
CA ALA B 452 16.75 -12.52 -6.14
C ALA B 452 15.26 -12.20 -6.27
N SER B 453 14.49 -13.21 -6.66
CA SER B 453 13.05 -13.09 -6.82
C SER B 453 12.58 -11.94 -7.68
N ASN B 454 13.21 -11.81 -8.84
CA ASN B 454 12.82 -10.79 -9.80
C ASN B 454 12.43 -11.54 -11.08
N GLN B 455 12.70 -10.97 -12.25
CA GLN B 455 12.34 -11.66 -13.49
C GLN B 455 13.49 -11.69 -14.50
N LEU B 456 14.70 -11.87 -14.00
CA LEU B 456 15.90 -11.90 -14.84
C LEU B 456 16.06 -13.22 -15.60
N LYS B 457 16.24 -13.11 -16.91
CA LYS B 457 16.42 -14.29 -17.74
C LYS B 457 17.89 -14.45 -18.11
N SER B 458 18.60 -13.32 -18.14
CA SER B 458 20.02 -13.30 -18.48
C SER B 458 20.66 -11.98 -18.06
N VAL B 459 21.98 -11.90 -18.17
CA VAL B 459 22.73 -10.68 -17.83
C VAL B 459 23.70 -10.46 -18.98
N PRO B 460 24.14 -9.21 -19.19
CA PRO B 460 25.08 -8.95 -20.28
C PRO B 460 26.44 -9.60 -19.97
N ASP B 461 27.15 -10.08 -20.99
CA ASP B 461 28.44 -10.71 -20.77
C ASP B 461 29.41 -9.76 -20.07
N GLY B 462 30.12 -10.26 -19.07
CA GLY B 462 31.08 -9.44 -18.35
C GLY B 462 30.48 -8.41 -17.40
N ILE B 463 29.16 -8.44 -17.24
CA ILE B 463 28.46 -7.47 -16.40
C ILE B 463 29.04 -7.26 -15.01
N PHE B 464 29.59 -8.31 -14.40
CA PHE B 464 30.16 -8.23 -13.07
C PHE B 464 31.66 -7.98 -13.01
N ASP B 465 32.31 -7.95 -14.17
CA ASP B 465 33.76 -7.75 -14.22
C ASP B 465 34.31 -6.49 -13.56
N ARG B 466 33.53 -5.42 -13.53
CA ARG B 466 34.00 -4.18 -12.92
C ARG B 466 33.49 -3.94 -11.50
N LEU B 467 32.89 -4.97 -10.91
CA LEU B 467 32.40 -4.87 -9.54
C LEU B 467 33.46 -5.54 -8.65
N THR B 468 34.63 -4.92 -8.61
CA THR B 468 35.76 -5.44 -7.85
C THR B 468 35.59 -5.51 -6.32
N SER B 469 34.60 -4.79 -5.80
CA SER B 469 34.37 -4.80 -4.35
C SER B 469 33.32 -5.85 -3.97
N LEU B 470 32.63 -6.38 -4.97
CA LEU B 470 31.58 -7.38 -4.74
C LEU B 470 32.03 -8.56 -3.89
N GLN B 471 31.21 -8.93 -2.92
CA GLN B 471 31.52 -10.04 -2.02
C GLN B 471 30.36 -11.00 -1.88
N LYS B 472 29.16 -10.48 -2.10
CA LYS B 472 27.96 -11.28 -2.00
C LYS B 472 26.95 -10.90 -3.07
N ILE B 473 26.32 -11.91 -3.66
CA ILE B 473 25.32 -11.66 -4.66
C ILE B 473 24.25 -12.73 -4.58
N TRP B 474 23.00 -12.29 -4.70
CA TRP B 474 21.83 -13.16 -4.66
C TRP B 474 21.22 -13.09 -6.05
N LEU B 475 21.04 -14.24 -6.70
CA LEU B 475 20.46 -14.28 -8.05
C LEU B 475 19.39 -15.36 -8.14
N HIS B 476 19.15 -16.06 -7.03
CA HIS B 476 18.17 -17.13 -7.04
C HIS B 476 16.73 -16.67 -7.28
N THR B 477 15.86 -17.64 -7.56
CA THR B 477 14.46 -17.38 -7.79
C THR B 477 14.24 -16.40 -8.94
N ASN B 478 14.98 -16.63 -10.03
CA ASN B 478 14.86 -15.85 -11.26
C ASN B 478 14.73 -16.89 -12.38
N PRO B 479 13.92 -16.60 -13.41
CA PRO B 479 13.74 -17.53 -14.53
C PRO B 479 14.92 -17.54 -15.52
N TRP B 480 16.08 -17.99 -15.05
CA TRP B 480 17.28 -18.02 -15.87
C TRP B 480 17.20 -18.89 -17.13
N ASP B 481 17.53 -18.29 -18.28
CA ASP B 481 17.54 -18.96 -19.57
C ASP B 481 18.90 -19.63 -19.73
N CYS B 482 18.97 -20.93 -19.51
CA CYS B 482 20.24 -21.63 -19.61
C CYS B 482 20.63 -22.19 -20.97
N SER B 483 20.09 -21.63 -22.05
CA SER B 483 20.48 -22.08 -23.39
C SER B 483 21.95 -21.64 -23.48
N CYS B 484 22.82 -22.55 -23.94
CA CYS B 484 24.27 -22.31 -23.99
C CYS B 484 24.90 -21.05 -24.56
N PRO B 485 24.58 -20.67 -25.80
CA PRO B 485 25.25 -19.46 -26.28
C PRO B 485 24.78 -18.17 -25.56
N ARG B 486 24.20 -18.30 -24.37
CA ARG B 486 23.73 -17.13 -23.65
C ARG B 486 24.04 -17.16 -22.17
N ILE B 487 23.98 -18.35 -21.59
CA ILE B 487 24.24 -18.52 -20.17
C ILE B 487 25.72 -18.81 -19.88
N ASP B 488 26.55 -18.82 -20.93
CA ASP B 488 27.97 -19.13 -20.76
C ASP B 488 28.69 -18.28 -19.70
N TYR B 489 28.69 -16.97 -19.89
CA TYR B 489 29.36 -16.09 -18.93
C TYR B 489 28.89 -16.26 -17.48
N LEU B 490 27.58 -16.22 -17.26
CA LEU B 490 27.04 -16.34 -15.91
C LEU B 490 27.39 -17.69 -15.29
N SER B 491 27.22 -18.77 -16.05
CA SER B 491 27.54 -20.10 -15.53
C SER B 491 29.00 -20.23 -15.13
N ARG B 492 29.89 -19.66 -15.94
CA ARG B 492 31.31 -19.70 -15.62
C ARG B 492 31.59 -18.81 -14.42
N TRP B 493 31.12 -17.57 -14.46
CA TRP B 493 31.34 -16.64 -13.36
C TRP B 493 30.82 -17.20 -12.05
N LEU B 494 29.62 -17.76 -12.08
CA LEU B 494 29.00 -18.32 -10.90
C LEU B 494 29.78 -19.50 -10.35
N ASN B 495 30.56 -20.14 -11.22
CA ASN B 495 31.35 -21.29 -10.84
C ASN B 495 32.67 -20.89 -10.20
N LYS B 496 33.32 -19.89 -10.80
CA LYS B 496 34.61 -19.40 -10.31
C LYS B 496 34.46 -18.53 -9.06
N ASN B 497 33.31 -17.89 -8.92
CA ASN B 497 33.05 -17.01 -7.79
C ASN B 497 32.00 -17.64 -6.86
N SER B 498 32.10 -18.96 -6.71
CA SER B 498 31.20 -19.73 -5.90
C SER B 498 30.96 -19.23 -4.47
N GLN B 499 32.01 -18.70 -3.84
CA GLN B 499 31.89 -18.21 -2.47
C GLN B 499 30.99 -16.97 -2.33
N LYS B 500 30.91 -16.19 -3.41
CA LYS B 500 30.11 -14.98 -3.43
C LYS B 500 28.60 -15.20 -3.56
N GLU B 501 28.20 -16.19 -4.34
CA GLU B 501 26.79 -16.46 -4.54
C GLU B 501 26.09 -16.93 -3.28
N GLN B 502 25.00 -16.26 -2.93
CA GLN B 502 24.21 -16.62 -1.77
C GLN B 502 23.01 -17.35 -2.37
N GLY B 503 22.71 -18.53 -1.87
CA GLY B 503 21.62 -19.29 -2.42
C GLY B 503 22.11 -19.90 -3.72
N SER B 504 21.19 -20.44 -4.52
CA SER B 504 21.61 -21.06 -5.77
C SER B 504 20.69 -20.73 -6.93
N ALA B 505 21.18 -19.92 -7.86
CA ALA B 505 20.39 -19.55 -9.03
C ALA B 505 20.20 -20.83 -9.86
N LYS B 506 18.97 -21.05 -10.32
CA LYS B 506 18.66 -22.24 -11.10
C LYS B 506 18.00 -21.97 -12.44
N CYS B 507 18.16 -22.91 -13.35
CA CYS B 507 17.61 -22.80 -14.70
C CYS B 507 16.11 -22.95 -14.76
N SER B 508 15.48 -22.10 -15.57
CA SER B 508 14.05 -22.14 -15.76
C SER B 508 13.62 -23.45 -16.41
N GLY B 509 12.68 -24.16 -15.79
CA GLY B 509 12.20 -25.41 -16.34
C GLY B 509 13.08 -26.59 -15.96
N SER B 510 14.35 -26.51 -16.34
CA SER B 510 15.31 -27.56 -16.03
C SER B 510 15.41 -27.75 -14.52
N GLY B 511 15.65 -26.65 -13.80
CA GLY B 511 15.78 -26.71 -12.35
C GLY B 511 17.21 -26.93 -11.89
N LYS B 512 18.10 -27.15 -12.84
CA LYS B 512 19.51 -27.37 -12.54
C LYS B 512 20.21 -26.08 -12.17
N PRO B 513 21.23 -26.15 -11.27
CA PRO B 513 21.92 -24.93 -10.90
C PRO B 513 22.71 -24.35 -12.07
N VAL B 514 22.51 -23.06 -12.33
CA VAL B 514 23.19 -22.36 -13.41
C VAL B 514 24.69 -22.63 -13.37
N ARG B 515 25.24 -22.64 -12.16
CA ARG B 515 26.66 -22.88 -11.93
C ARG B 515 27.18 -24.15 -12.62
N SER B 516 26.31 -25.14 -12.81
CA SER B 516 26.70 -26.40 -13.42
C SER B 516 26.55 -26.52 -14.94
N ILE B 517 26.12 -25.47 -15.62
CA ILE B 517 25.95 -25.55 -17.06
C ILE B 517 27.27 -25.31 -17.78
N ILE B 518 27.54 -26.13 -18.80
CA ILE B 518 28.77 -26.01 -19.58
C ILE B 518 28.41 -25.87 -21.06
N CYS B 519 28.92 -24.80 -21.68
CA CYS B 519 28.65 -24.52 -23.08
C CYS B 519 29.89 -24.83 -23.93
N PRO B 520 29.69 -25.07 -25.23
CA PRO B 520 30.85 -25.37 -26.09
C PRO B 520 31.36 -24.10 -26.77
N DCY C 1 -9.47 14.43 9.91
CA DCY C 1 -10.86 14.78 10.12
C DCY C 1 -11.03 16.03 10.97
O DCY C 1 -11.84 16.05 11.89
CB DCY C 1 -11.68 14.80 8.82
SG DCY C 1 -11.43 13.35 7.75
N SER C 2 -10.26 17.07 10.67
CA SER C 2 -10.35 18.32 11.43
C SER C 2 -11.73 18.92 11.44
N LYS C 3 -12.14 19.39 12.62
CA LYS C 3 -13.45 20.00 12.79
C LYS C 3 -13.29 21.52 12.73
N LYS C 4 -14.08 22.15 11.86
CA LYS C 4 -14.06 23.59 11.65
C LYS C 4 -14.18 24.34 12.98
N LYS C 5 -13.17 25.15 13.31
CA LYS C 5 -13.19 25.91 14.56
C LYS C 5 -13.76 27.32 14.40
N LYS C 6 -14.94 27.54 14.97
CA LYS C 6 -15.61 28.84 14.93
C LYS C 6 -16.57 28.99 16.11
C1 NAG D . 7.04 -25.67 26.74
C2 NAG D . 8.09 -24.73 26.11
C3 NAG D . 7.45 -23.40 25.65
C4 NAG D . 6.23 -23.67 24.75
C5 NAG D . 5.28 -24.63 25.49
C6 NAG D . 4.06 -25.01 24.67
C7 NAG D . 10.33 -25.03 26.94
C8 NAG D . 11.52 -24.31 27.55
N2 NAG D . 9.14 -24.46 27.07
O3 NAG D . 8.40 -22.63 24.94
O4 NAG D . 5.52 -22.43 24.45
O5 NAG D . 5.95 -25.87 25.83
O6 NAG D . 4.41 -25.97 23.68
O7 NAG D . 10.49 -26.11 26.37
C1 NDG D . 6.11 -21.46 23.62
C2 NDG D . 5.41 -20.12 23.82
C3 NDG D . 6.13 -19.05 22.99
C4 NDG D . 6.13 -19.45 21.50
C5 NDG D . 6.56 -20.94 21.28
C6 NDG D . 8.06 -21.21 21.25
C7 NDG D . 3.11 -20.87 24.03
C8 NDG D . 2.32 -21.90 23.26
O5 NDG D . 5.94 -21.87 22.24
O3 NDG D . 7.47 -18.91 23.45
O4 NDG D . 4.82 -19.24 20.92
O6 NDG D . 8.71 -20.71 22.41
O7 NDG D . 2.87 -20.67 25.22
N2 NDG D . 4.04 -20.19 23.36
C1 MAN D . 4.28 -17.95 20.81
C2 MAN D . 2.87 -18.04 20.26
C3 MAN D . 2.25 -16.65 20.04
C4 MAN D . 3.20 -15.72 19.26
C5 MAN D . 4.67 -15.80 19.74
C6 MAN D . 4.98 -15.03 21.01
O2 MAN D . 2.05 -18.79 21.16
O3 MAN D . 1.88 -16.06 21.28
O4 MAN D . 3.13 -16.01 17.87
O5 MAN D . 5.11 -17.18 19.91
O6 MAN D . 3.99 -15.25 22.01
C1 NAG E . 19.68 2.92 18.56
C2 NAG E . 20.14 1.85 19.53
C3 NAG E . 21.26 1.00 18.96
C4 NAG E . 20.85 0.40 17.61
C5 NAG E . 20.27 1.50 16.68
C6 NAG E . 19.61 0.86 15.49
C7 NAG E . 19.84 2.36 21.85
C8 NAG E . 20.36 3.01 23.12
N2 NAG E . 20.59 2.45 20.77
O3 NAG E . 21.55 -0.07 19.85
O4 NAG E . 22.02 -0.18 17.00
O5 NAG E . 19.25 2.30 17.33
O6 NAG E . 20.00 1.48 14.28
O7 NAG E . 18.76 1.77 21.86
C1 NAG E . 21.99 -1.52 16.58
C2 NAG E . 23.11 -1.71 15.54
C3 NAG E . 23.25 -3.19 15.15
C4 NAG E . 23.43 -4.07 16.40
C5 NAG E . 22.30 -3.76 17.40
C6 NAG E . 22.50 -4.51 18.70
C7 NAG E . 23.59 0.13 14.07
C8 NAG E . 23.64 0.55 12.61
N2 NAG E . 22.83 -0.92 14.36
O3 NAG E . 24.38 -3.36 14.31
O4 NAG E . 23.40 -5.47 16.02
O5 NAG E . 22.24 -2.34 17.72
O6 NAG E . 21.26 -4.89 19.27
O7 NAG E . 24.23 0.75 14.92
C1 MAN E . 24.38 -6.33 16.52
C2 MAN E . 25.67 -6.22 15.68
C3 MAN E . 26.72 -7.21 16.18
C4 MAN E . 26.15 -8.64 16.26
C5 MAN E . 24.76 -8.69 16.93
C6 MAN E . 24.82 -8.58 18.45
O2 MAN E . 26.19 -4.90 15.75
O3 MAN E . 27.21 -6.82 17.46
O4 MAN E . 26.06 -9.20 14.95
O5 MAN E . 23.87 -7.67 16.42
O6 MAN E . 24.94 -9.86 19.05
C1 NAG F . 15.67 -5.68 3.63
C2 NAG F . 16.68 -6.61 4.31
C3 NAG F . 16.15 -8.04 4.23
C4 NAG F . 14.73 -8.14 4.81
C5 NAG F . 13.82 -7.03 4.28
C6 NAG F . 12.56 -6.93 5.11
C7 NAG F . 19.05 -6.16 4.25
C8 NAG F . 20.29 -5.93 3.40
N2 NAG F . 17.96 -6.55 3.63
O3 NAG F . 17.02 -8.91 4.92
O4 NAG F . 14.18 -9.41 4.40
O5 NAG F . 14.44 -5.73 4.34
O6 NAG F . 11.47 -6.46 4.33
O7 NAG F . 19.11 -5.96 5.47
C1 NAG F . 13.82 -10.34 5.37
C2 NAG F . 12.86 -11.36 4.74
C3 NAG F . 12.65 -12.59 5.64
C4 NAG F . 13.99 -13.13 6.15
C5 NAG F . 14.78 -12.00 6.79
C6 NAG F . 16.14 -12.46 7.27
C7 NAG F . 11.09 -10.53 3.30
C8 NAG F . 9.77 -9.78 3.19
N2 NAG F . 11.56 -10.73 4.52
O3 NAG F . 11.97 -13.59 4.92
O4 NAG F . 13.76 -14.19 7.10
O5 NAG F . 15.02 -10.96 5.82
O6 NAG F . 16.92 -12.93 6.19
O7 NAG F . 11.67 -10.89 2.29
C1 BMA F . 13.76 -15.49 6.61
C2 BMA F . 14.78 -16.34 7.38
C3 BMA F . 14.72 -17.80 6.90
C4 BMA F . 13.28 -18.33 6.94
C5 BMA F . 12.34 -17.36 6.21
C6 BMA F . 10.88 -17.78 6.31
O2 BMA F . 14.48 -16.28 8.78
O3 BMA F . 15.54 -18.62 7.72
O4 BMA F . 13.23 -19.60 6.32
O5 BMA F . 12.45 -16.04 6.78
O6 BMA F . 10.27 -17.24 7.48
C1 NAG G . -8.20 -6.82 -15.10
C2 NAG G . -7.14 -5.75 -14.89
C3 NAG G . -6.90 -4.97 -16.20
C4 NAG G . -6.73 -5.89 -17.44
C5 NAG G . -7.76 -7.06 -17.42
C6 NAG G . -7.45 -8.16 -18.42
C7 NAG G . -6.71 -4.32 -12.99
C8 NAG G . -6.71 -2.81 -12.83
N2 NAG G . -7.58 -4.84 -13.86
O3 NAG G . -5.75 -4.16 -16.05
O4 NAG G . -6.97 -5.08 -18.63
O5 NAG G . -7.80 -7.70 -16.13
O6 NAG G . -8.43 -9.18 -18.37
O7 NAG G . -5.93 -5.01 -12.35
C1 BMA G . -6.27 -5.24 -19.83
C2 BMA G . -4.74 -5.24 -19.67
C3 BMA G . -4.09 -5.38 -21.05
C4 BMA G . -4.69 -6.55 -21.85
C5 BMA G . -6.21 -6.44 -21.88
C6 BMA G . -6.88 -7.59 -22.60
O2 BMA G . -4.34 -6.31 -18.83
O3 BMA G . -2.69 -5.58 -20.89
O4 BMA G . -4.19 -6.54 -23.19
O5 BMA G . -6.73 -6.40 -20.52
O6 BMA G . -8.09 -7.18 -23.23
C1 NAG H . -25.97 19.32 -32.04
C2 NAG H . -26.98 19.59 -30.91
C3 NAG H . -26.92 18.49 -29.84
C4 NAG H . -27.02 17.10 -30.49
C5 NAG H . -25.96 16.97 -31.60
C6 NAG H . -26.07 15.63 -32.32
C7 NAG H . -27.41 21.95 -30.63
C8 NAG H . -28.55 22.35 -29.72
N2 NAG H . -26.70 20.87 -30.30
O3 NAG H . -27.99 18.66 -28.92
O4 NAG H . -26.81 16.10 -29.51
O5 NAG H . -26.13 18.00 -32.58
O6 NAG H . -25.74 14.56 -31.46
O7 NAG H . -27.18 22.61 -31.64
C1 NAG I . -31.03 -1.99 -3.38
C2 NAG I . -32.04 -0.97 -2.79
C3 NAG I . -33.35 -0.95 -3.60
C4 NAG I . -33.07 -0.82 -5.10
C5 NAG I . -32.08 -1.89 -5.54
C6 NAG I . -31.71 -1.76 -7.01
C7 NAG I . -32.32 -0.38 -0.46
C8 NAG I . -33.64 0.31 -0.12
N2 NAG I . -32.33 -1.31 -1.41
O3 NAG I . -34.15 0.15 -3.17
O4 NAG I . -34.28 -0.97 -5.84
O5 NAG I . -30.84 -1.78 -4.79
O6 NAG I . -32.41 -2.72 -7.79
O7 NAG I . -31.30 -0.07 0.15
C1 NAG J . -10.38 -8.15 -9.24
C2 NAG J . -10.97 -8.13 -10.66
C3 NAG J . -9.86 -8.06 -11.72
C4 NAG J . -8.88 -6.93 -11.40
C5 NAG J . -8.35 -7.10 -9.98
C6 NAG J . -7.40 -5.98 -9.58
C7 NAG J . -12.95 -9.26 -11.47
C8 NAG J . -13.65 -10.59 -11.74
N2 NAG J . -11.77 -9.32 -10.86
O3 NAG J . -10.44 -7.84 -12.99
O4 NAG J . -7.80 -6.94 -12.33
O5 NAG J . -9.47 -7.07 -9.06
O6 NAG J . -6.96 -6.15 -8.25
O7 NAG J . -13.47 -8.21 -11.81
C1 NAG K . 24.13 -8.81 47.59
C2 NAG K . 24.91 -9.76 48.51
C3 NAG K . 25.76 -8.96 49.51
C4 NAG K . 26.64 -7.94 48.76
C5 NAG K . 25.76 -7.07 47.85
C6 NAG K . 26.57 -6.09 47.02
C7 NAG K . 23.76 -11.85 48.79
C8 NAG K . 24.37 -12.99 49.58
N2 NAG K . 23.98 -10.62 49.22
O3 NAG K . 26.57 -9.84 50.27
O4 NAG K . 27.31 -7.11 49.71
O5 NAG K . 25.02 -7.91 46.92
O6 NAG K . 27.38 -6.75 46.06
O7 NAG K . 23.09 -12.08 47.78
C1 PLM L . -8.82 13.58 10.70
O2 PLM L . -7.64 13.32 10.54
C2 PLM L . -9.60 12.89 11.75
C3 PLM L . -8.83 11.73 12.34
C4 PLM L . -8.66 10.62 11.34
C5 PLM L . -8.31 9.33 12.06
C6 PLM L . -6.90 9.39 12.63
C7 PLM L . -5.86 8.96 11.60
C8 PLM L . -4.45 9.23 12.10
C9 PLM L . -4.16 8.45 13.37
CA PLM L . -2.87 8.89 14.03
CB PLM L . -2.45 7.89 15.10
CC PLM L . -1.12 8.29 15.74
CD PLM L . -0.66 7.22 16.72
CE PLM L . 0.49 7.69 17.60
CF PLM L . 1.72 8.02 16.78
CG PLM L . 2.89 8.50 17.62
C1 Z41 M . -20.48 19.68 -7.88
C2 Z41 M . -21.79 19.39 -7.17
C3 Z41 M . -21.65 18.47 -5.96
C4 Z41 M . -21.20 17.07 -6.36
C5 Z41 M . -21.17 16.12 -5.17
C6 Z41 M . -20.04 16.42 -4.19
C7 Z41 M . -19.67 15.18 -3.38
C8 Z41 M . -18.45 15.43 -2.50
C9 Z41 M . -17.83 14.12 -1.99
C10 Z41 M . -16.62 14.42 -1.15
C11 Z41 M . -15.58 13.32 -1.19
C12 Z41 M . -15.77 12.33 -0.08
C13 Z41 M . -14.57 11.38 0.03
C14 Z41 M . -13.32 12.12 0.44
C15 Z41 M . -12.67 11.50 1.68
C16 Z41 M . -12.75 12.41 2.89
O1 Z41 M . -13.82 12.52 3.48
O2 Z41 M . -11.69 13.07 3.27
C17 Z41 M . -11.71 13.28 4.69
C18 Z41 M . -10.30 13.19 5.28
O3 Z41 M . -9.34 13.68 4.36
C19 Z41 M . -8.46 12.76 4.07
O4 Z41 M . -8.61 11.58 4.42
C20 Z41 M . -7.24 13.13 3.25
C21 Z41 M . -7.62 13.74 1.92
C22 Z41 M . -8.46 12.78 1.11
C23 Z41 M . -8.97 13.42 -0.18
C24 Z41 M . -9.91 14.56 0.12
C25 Z41 M . -10.36 15.24 -1.15
C26 Z41 M . -11.86 15.44 -1.17
C27 Z41 M . -12.21 16.77 -1.81
C28 Z41 M . -13.68 16.86 -2.16
C29 Z41 M . -13.92 17.98 -3.16
C30 Z41 M . -15.31 17.89 -3.77
C31 Z41 M . -15.60 19.06 -4.70
C32 Z41 M . -16.98 18.95 -5.33
C33 Z41 M . -17.40 20.23 -6.03
C34 Z41 M . -16.52 20.60 -7.22
C35 Z41 M . -10.24 13.96 6.58
#